data_8JMJ
#
_entry.id   8JMJ
#
_cell.length_a   75.178
_cell.length_b   75.193
_cell.length_c   81.116
_cell.angle_alpha   71.34
_cell.angle_beta   71.46
_cell.angle_gamma   67.70
#
_symmetry.space_group_name_H-M   'P 1'
#
loop_
_entity.id
_entity.type
_entity.pdbx_description
1 polymer 'SpoOJ regulator (Soj)'
2 polymer "DNA (5'-D(P*TP*CP*CP*CP*TP*GP*TP*TP*TP*CP*AP*CP*GP*TP*GP*GP*AP*AP*CP*AP*CP*CP*CP*T)-3')"
3 polymer "DNA (5'-D(P*AP*GP*GP*GP*TP*GP*TP*TP*CP*CP*AP*CP*GP*TP*GP*AP*AP*AP*CP*AP*GP*GP*GP*A)-3')"
4 polymer 'Probable chromosome-partitioning protein ParB'
5 non-polymer "ADENOSINE-5'-TRIPHOSPHATE"
6 non-polymer 'MAGNESIUM ION'
#
loop_
_entity_poly.entity_id
_entity_poly.type
_entity_poly.pdbx_seq_one_letter_code
_entity_poly.pdbx_strand_id
1 'polypeptide(L)'
;MMSEIIAVANQKGGVGKTTTAVNLAASLAVHEKKILLIDFAPQANATSSLGFRRDKIDYDIYHVLIGRKQISQVILKTQM
PFLDLVPSNLGLAGFEKTFYDSQDENKRGELMLKNALESVVGLYDYIIIDSPPALGPLTINSLSAAHSVIIPIQCEFFAL
EGTKLLLNTIRMLQKSTNPKLKIRGFLPTMHVPQLNLTKGVLAELFKYFDSEFFRDSATGEYIMIPKSVKLAESPSFGKP
ILLYDIKSNGSIAYQKLAQSILQG
;
A,B,C,D
2 'polydeoxyribonucleotide'
;(DT)(DC)(DC)(DC)(DT)(DG)(DT)(DT)(DT)(DC)(DA)(DC)(DG)(DT)(DG)(DG)(DA)(DA)(DC)(DA)
(DC)(DC)(DC)(DT)
;
E
3 'polydeoxyribonucleotide'
;(DA)(DG)(DG)(DG)(DT)(DG)(DT)(DT)(DC)(DC)(DA)(DC)(DG)(DT)(DG)(DA)(DA)(DA)(DC)(DA)
(DG)(DG)(DG)(DA)
;
F
4 'polypeptide(L)' MAKNKVLGRG L,K,M,N
#
# COMPACT_ATOMS: atom_id res chain seq x y z
N MET A 1 6.75 -48.84 -15.89
CA MET A 1 6.42 -47.48 -15.48
C MET A 1 5.93 -46.74 -16.70
N MET A 2 5.08 -45.73 -16.48
CA MET A 2 4.56 -44.96 -17.60
C MET A 2 4.33 -43.48 -17.24
N SER A 3 4.81 -42.58 -18.10
CA SER A 3 4.62 -41.16 -17.90
C SER A 3 3.20 -40.77 -18.25
N GLU A 4 2.57 -39.92 -17.46
CA GLU A 4 1.33 -39.33 -17.93
C GLU A 4 1.72 -38.08 -18.69
N ILE A 5 1.38 -38.05 -19.98
CA ILE A 5 1.71 -36.89 -20.79
C ILE A 5 0.59 -35.88 -20.71
N ILE A 6 0.90 -34.68 -20.21
CA ILE A 6 -0.10 -33.63 -20.10
C ILE A 6 0.19 -32.47 -21.05
N ALA A 7 -0.81 -32.11 -21.86
CA ALA A 7 -0.69 -30.92 -22.69
C ALA A 7 -1.32 -29.70 -21.99
N VAL A 8 -0.66 -28.56 -22.12
CA VAL A 8 -1.27 -27.32 -21.67
C VAL A 8 -1.50 -26.65 -22.97
N ALA A 9 -2.76 -26.43 -23.33
CA ALA A 9 -3.07 -25.88 -24.66
C ALA A 9 -4.25 -24.93 -24.65
N ASN A 10 -4.08 -23.81 -25.35
CA ASN A 10 -5.18 -22.97 -25.80
C ASN A 10 -4.69 -22.18 -27.02
N GLN A 11 -5.50 -22.00 -28.06
CA GLN A 11 -5.05 -21.24 -29.23
C GLN A 11 -5.07 -19.72 -29.04
N LYS A 12 -5.89 -19.27 -28.09
CA LYS A 12 -5.95 -17.87 -27.70
C LYS A 12 -4.62 -17.50 -27.11
N GLY A 13 -4.10 -16.36 -27.54
CA GLY A 13 -2.87 -15.92 -26.99
C GLY A 13 -2.88 -15.29 -25.59
N GLY A 14 -1.81 -15.54 -24.83
CA GLY A 14 -1.54 -14.85 -23.58
C GLY A 14 -2.48 -15.17 -22.46
N VAL A 15 -2.92 -16.42 -22.41
CA VAL A 15 -3.86 -16.92 -21.40
C VAL A 15 -3.29 -17.73 -20.23
N GLY A 16 -1.97 -17.85 -20.12
CA GLY A 16 -1.42 -18.61 -19.01
C GLY A 16 -0.83 -19.98 -19.30
N LYS A 17 -0.76 -20.38 -20.56
CA LYS A 17 -0.14 -21.64 -21.04
C LYS A 17 1.24 -21.94 -20.50
N THR A 18 2.19 -21.05 -20.78
CA THR A 18 3.56 -21.16 -20.30
C THR A 18 3.69 -21.09 -18.78
N THR A 19 3.08 -20.06 -18.16
CA THR A 19 3.00 -19.92 -16.71
C THR A 19 2.40 -21.15 -15.98
N THR A 20 1.39 -21.79 -16.60
CA THR A 20 0.91 -23.05 -16.07
C THR A 20 1.93 -24.15 -16.26
N ALA A 21 2.42 -24.32 -17.48
CA ALA A 21 3.29 -25.44 -17.83
C ALA A 21 4.61 -25.41 -17.06
N VAL A 22 5.14 -24.22 -16.81
CA VAL A 22 6.32 -24.10 -15.97
C VAL A 22 6.01 -24.32 -14.48
N ASN A 23 5.01 -23.63 -13.95
CA ASN A 23 4.68 -23.76 -12.52
C ASN A 23 3.94 -25.07 -12.11
N LEU A 24 3.25 -25.73 -13.03
CA LEU A 24 2.75 -27.06 -12.73
C LEU A 24 3.89 -28.06 -12.64
N ALA A 25 4.83 -28.00 -13.62
CA ALA A 25 5.98 -28.91 -13.68
C ALA A 25 6.90 -28.75 -12.46
N ALA A 26 6.98 -27.51 -11.97
CA ALA A 26 7.71 -27.24 -10.76
C ALA A 26 6.98 -27.77 -9.54
N SER A 27 5.66 -27.56 -9.49
CA SER A 27 4.87 -27.98 -8.33
C SER A 27 4.76 -29.50 -8.15
N LEU A 28 4.89 -30.20 -9.27
CA LEU A 28 4.97 -31.64 -9.28
C LEU A 28 6.39 -32.15 -8.92
N ALA A 29 7.43 -31.38 -9.22
CA ALA A 29 8.79 -31.82 -8.88
C ALA A 29 9.07 -31.64 -7.39
N VAL A 30 8.31 -30.74 -6.78
CA VAL A 30 8.31 -30.48 -5.33
C VAL A 30 7.97 -31.73 -4.52
N HIS A 31 7.07 -32.55 -5.08
CA HIS A 31 6.50 -33.71 -4.42
C HIS A 31 7.32 -34.98 -4.64
N GLU A 32 8.51 -34.79 -5.20
CA GLU A 32 9.47 -35.83 -5.57
C GLU A 32 8.87 -36.76 -6.63
N LYS A 33 8.63 -36.17 -7.79
CA LYS A 33 8.24 -36.88 -9.00
C LYS A 33 9.20 -36.42 -10.10
N LYS A 34 9.55 -37.30 -11.03
CA LYS A 34 10.51 -36.97 -12.08
C LYS A 34 9.81 -36.27 -13.26
N ILE A 35 10.16 -35.01 -13.53
CA ILE A 35 9.37 -34.17 -14.44
C ILE A 35 10.14 -33.65 -15.65
N LEU A 36 9.63 -33.93 -16.85
CA LEU A 36 10.19 -33.39 -18.08
C LEU A 36 9.29 -32.25 -18.54
N LEU A 37 9.80 -31.03 -18.62
CA LEU A 37 9.05 -29.92 -19.23
C LEU A 37 9.44 -29.76 -20.70
N ILE A 38 8.52 -30.00 -21.62
CA ILE A 38 8.86 -29.79 -23.02
C ILE A 38 8.32 -28.46 -23.47
N ASP A 39 9.21 -27.58 -23.91
CA ASP A 39 8.78 -26.28 -24.42
C ASP A 39 8.54 -26.55 -25.89
N PHE A 40 7.28 -26.58 -26.28
CA PHE A 40 6.87 -26.89 -27.65
C PHE A 40 6.49 -25.67 -28.51
N ALA A 41 6.81 -24.46 -28.06
CA ALA A 41 6.37 -23.26 -28.80
C ALA A 41 7.61 -22.60 -29.37
N PRO A 42 7.51 -22.01 -30.59
CA PRO A 42 8.68 -21.35 -31.23
C PRO A 42 9.24 -20.13 -30.48
N GLN A 43 8.34 -19.40 -29.81
CA GLN A 43 8.72 -18.25 -29.00
C GLN A 43 9.58 -18.62 -27.80
N ALA A 44 9.41 -19.86 -27.33
CA ALA A 44 10.22 -20.49 -26.28
C ALA A 44 10.23 -19.80 -24.91
N ASN A 45 9.06 -19.31 -24.47
CA ASN A 45 8.95 -18.64 -23.18
C ASN A 45 9.13 -19.59 -21.99
N ALA A 46 8.88 -20.90 -22.16
CA ALA A 46 9.04 -21.81 -21.04
C ALA A 46 10.49 -22.06 -20.69
N THR A 47 11.32 -22.19 -21.71
CA THR A 47 12.75 -22.24 -21.55
C THR A 47 13.32 -20.98 -20.89
N SER A 48 12.85 -19.81 -21.31
CA SER A 48 13.33 -18.55 -20.73
C SER A 48 12.83 -18.31 -19.31
N SER A 49 11.71 -18.93 -18.97
CA SER A 49 11.19 -18.94 -17.61
C SER A 49 12.12 -19.70 -16.64
N LEU A 50 12.88 -20.66 -17.16
CA LEU A 50 13.79 -21.45 -16.32
C LEU A 50 15.23 -20.93 -16.31
N GLY A 51 15.45 -19.79 -16.95
CA GLY A 51 16.76 -19.17 -16.97
C GLY A 51 17.70 -19.69 -18.05
N PHE A 52 17.19 -20.45 -19.01
CA PHE A 52 18.05 -20.79 -20.13
C PHE A 52 17.64 -19.87 -21.25
N ARG A 53 18.42 -18.82 -21.45
CA ARG A 53 18.20 -17.95 -22.57
C ARG A 53 18.92 -18.66 -23.69
N ARG A 54 18.53 -18.45 -24.94
CA ARG A 54 19.19 -19.23 -25.95
C ARG A 54 20.17 -18.46 -26.83
N ASP A 55 21.44 -18.45 -26.43
CA ASP A 55 22.55 -18.68 -27.34
C ASP A 55 23.14 -20.03 -26.95
N LYS A 56 22.71 -20.52 -25.79
CA LYS A 56 23.40 -21.59 -25.07
C LYS A 56 22.78 -22.97 -25.28
N ILE A 57 21.75 -23.02 -26.13
CA ILE A 57 21.11 -24.29 -26.45
C ILE A 57 21.79 -24.85 -27.68
N ASP A 58 22.53 -25.93 -27.48
CA ASP A 58 23.23 -26.64 -28.56
C ASP A 58 22.27 -27.16 -29.62
N TYR A 59 21.46 -28.13 -29.21
CA TYR A 59 20.44 -28.70 -30.07
C TYR A 59 19.16 -28.77 -29.25
N ASP A 60 18.01 -28.66 -29.92
CA ASP A 60 16.73 -28.57 -29.22
C ASP A 60 15.64 -29.42 -29.88
N ILE A 61 14.40 -29.22 -29.43
CA ILE A 61 13.22 -30.03 -29.78
C ILE A 61 12.95 -30.17 -31.29
N TYR A 62 13.34 -29.15 -32.06
CA TYR A 62 13.28 -29.18 -33.52
C TYR A 62 14.22 -30.25 -34.12
N HIS A 63 15.38 -30.43 -33.51
CA HIS A 63 16.35 -31.39 -34.03
C HIS A 63 16.03 -32.85 -33.70
N VAL A 64 15.13 -33.05 -32.74
CA VAL A 64 14.72 -34.40 -32.35
C VAL A 64 13.75 -34.96 -33.38
N LEU A 65 12.87 -34.09 -33.86
CA LEU A 65 11.81 -34.48 -34.76
C LEU A 65 12.31 -34.71 -36.19
N ILE A 66 13.50 -34.20 -36.50
CA ILE A 66 14.16 -34.51 -37.76
C ILE A 66 14.67 -35.95 -37.69
N GLY A 67 15.27 -36.28 -36.55
CA GLY A 67 16.05 -37.49 -36.42
C GLY A 67 17.51 -37.08 -36.41
N ARG A 68 17.72 -35.76 -36.43
CA ARG A 68 19.04 -35.16 -36.37
C ARG A 68 19.65 -35.43 -35.00
N LYS A 69 18.84 -35.28 -33.96
CA LYS A 69 19.24 -35.68 -32.61
C LYS A 69 18.26 -36.68 -32.02
N GLN A 70 18.70 -37.33 -30.94
CA GLN A 70 17.86 -38.20 -30.14
C GLN A 70 17.49 -37.37 -28.90
N ILE A 71 16.32 -37.63 -28.31
CA ILE A 71 15.80 -36.80 -27.22
C ILE A 71 16.66 -36.71 -25.93
N SER A 72 17.40 -37.78 -25.63
CA SER A 72 18.33 -37.83 -24.50
C SER A 72 19.49 -36.82 -24.64
N GLN A 73 19.85 -36.53 -25.89
CA GLN A 73 20.90 -35.58 -26.21
C GLN A 73 20.53 -34.11 -25.93
N VAL A 74 19.24 -33.76 -26.05
CA VAL A 74 18.82 -32.37 -25.81
C VAL A 74 18.22 -32.05 -24.43
N ILE A 75 18.08 -33.04 -23.56
CA ILE A 75 17.46 -32.81 -22.25
C ILE A 75 18.40 -32.10 -21.27
N LEU A 76 17.95 -30.96 -20.76
CA LEU A 76 18.74 -30.12 -19.87
C LEU A 76 18.26 -30.25 -18.43
N LYS A 77 19.19 -30.23 -17.50
CA LYS A 77 18.84 -30.25 -16.09
C LYS A 77 18.69 -28.82 -15.57
N THR A 78 17.70 -28.58 -14.71
CA THR A 78 17.41 -27.25 -14.19
C THR A 78 17.88 -27.08 -12.75
N GLN A 79 17.53 -25.92 -12.16
CA GLN A 79 17.75 -25.64 -10.74
C GLN A 79 17.03 -26.68 -9.85
N MET A 80 15.77 -26.98 -10.19
CA MET A 80 15.01 -27.99 -9.46
C MET A 80 15.56 -29.34 -9.84
N PRO A 81 15.98 -30.14 -8.84
CA PRO A 81 16.59 -31.44 -9.09
C PRO A 81 15.65 -32.42 -9.80
N PHE A 82 14.36 -32.35 -9.48
CA PHE A 82 13.41 -33.28 -10.10
C PHE A 82 12.75 -32.74 -11.37
N LEU A 83 13.16 -31.55 -11.81
CA LEU A 83 12.74 -31.00 -13.09
C LEU A 83 13.83 -31.05 -14.18
N ASP A 84 13.46 -31.58 -15.34
CA ASP A 84 14.30 -31.52 -16.55
C ASP A 84 13.53 -30.77 -17.66
N LEU A 85 14.26 -30.14 -18.59
CA LEU A 85 13.65 -29.38 -19.68
C LEU A 85 14.15 -29.74 -21.08
N VAL A 86 13.24 -29.95 -22.02
CA VAL A 86 13.59 -29.94 -23.43
C VAL A 86 13.34 -28.52 -24.00
N PRO A 87 14.43 -27.78 -24.29
CA PRO A 87 14.33 -26.40 -24.71
C PRO A 87 13.77 -26.23 -26.11
N SER A 88 13.36 -25.00 -26.42
CA SER A 88 12.79 -24.64 -27.72
C SER A 88 13.54 -23.45 -28.33
N ASN A 89 13.29 -23.19 -29.62
CA ASN A 89 14.06 -22.21 -30.39
C ASN A 89 13.18 -21.59 -31.50
N LEU A 90 13.65 -20.48 -32.10
CA LEU A 90 13.12 -19.95 -33.36
C LEU A 90 13.14 -20.97 -34.52
N GLY A 91 14.07 -21.92 -34.47
CA GLY A 91 14.18 -22.99 -35.43
C GLY A 91 12.99 -23.94 -35.48
N LEU A 92 12.19 -23.93 -34.41
CA LEU A 92 10.99 -24.77 -34.31
C LEU A 92 9.87 -24.29 -35.24
N ALA A 93 9.97 -23.05 -35.71
CA ALA A 93 9.03 -22.51 -36.70
C ALA A 93 9.14 -23.22 -38.05
N GLY A 94 10.33 -23.73 -38.35
CA GLY A 94 10.55 -24.47 -39.58
C GLY A 94 10.14 -25.94 -39.54
N PHE A 95 9.50 -26.35 -38.44
CA PHE A 95 8.90 -27.69 -38.34
C PHE A 95 7.62 -27.68 -39.17
N GLU A 96 7.03 -26.50 -39.29
CA GLU A 96 5.77 -26.32 -40.02
C GLU A 96 5.88 -26.68 -41.50
N LYS A 97 7.06 -26.54 -42.08
CA LYS A 97 7.32 -27.06 -43.43
C LYS A 97 7.44 -28.59 -43.43
N THR A 98 8.15 -29.13 -42.42
CA THR A 98 8.40 -30.58 -42.23
C THR A 98 7.09 -31.38 -42.09
N PHE A 99 6.11 -30.76 -41.44
CA PHE A 99 4.78 -31.36 -41.29
C PHE A 99 4.04 -31.45 -42.63
N TYR A 100 3.94 -30.33 -43.34
CA TYR A 100 3.04 -30.20 -44.51
C TYR A 100 3.53 -30.89 -45.79
N ASP A 101 4.80 -31.24 -45.81
CA ASP A 101 5.36 -31.99 -46.93
C ASP A 101 5.38 -33.49 -46.61
N SER A 102 4.95 -33.83 -45.40
CA SER A 102 4.66 -35.21 -45.02
C SER A 102 3.17 -35.60 -45.06
N GLN A 103 2.28 -34.66 -45.37
CA GLN A 103 0.85 -34.96 -45.46
C GLN A 103 0.42 -35.31 -46.88
N ASP A 104 1.31 -35.07 -47.84
CA ASP A 104 1.03 -35.30 -49.26
C ASP A 104 0.98 -36.80 -49.55
N GLU A 105 1.83 -37.56 -48.85
CA GLU A 105 1.93 -39.01 -49.08
C GLU A 105 1.79 -39.81 -47.79
N ASN A 106 2.75 -39.65 -46.88
CA ASN A 106 2.84 -40.44 -45.65
C ASN A 106 1.70 -40.20 -44.66
N LYS A 107 1.30 -38.92 -44.52
CA LYS A 107 0.14 -38.44 -43.75
C LYS A 107 0.17 -38.77 -42.23
N ARG A 108 1.37 -39.09 -41.73
CA ARG A 108 1.56 -39.54 -40.35
C ARG A 108 2.09 -38.46 -39.40
N GLY A 109 2.29 -37.25 -39.92
CA GLY A 109 3.02 -36.20 -39.22
C GLY A 109 2.50 -35.65 -37.89
N GLU A 110 1.28 -36.02 -37.51
CA GLU A 110 0.68 -35.60 -36.24
C GLU A 110 1.24 -36.37 -35.04
N LEU A 111 1.94 -37.46 -35.33
CA LEU A 111 2.57 -38.32 -34.34
C LEU A 111 4.06 -38.09 -34.12
N MET A 112 4.62 -37.07 -34.73
CA MET A 112 6.07 -36.82 -34.64
C MET A 112 6.63 -36.56 -33.24
N LEU A 113 5.85 -35.93 -32.36
CA LEU A 113 6.30 -35.69 -31.00
C LEU A 113 6.16 -36.93 -30.10
N LYS A 114 5.03 -37.64 -30.26
CA LYS A 114 4.75 -38.90 -29.55
C LYS A 114 5.86 -39.95 -29.70
N ASN A 115 6.34 -40.10 -30.93
CA ASN A 115 7.42 -41.03 -31.21
C ASN A 115 8.81 -40.55 -30.77
N ALA A 116 8.93 -39.26 -30.49
CA ALA A 116 10.15 -38.73 -29.91
C ALA A 116 10.18 -38.99 -28.41
N LEU A 117 9.00 -39.19 -27.83
CA LEU A 117 8.88 -39.37 -26.37
C LEU A 117 9.02 -40.81 -25.92
N GLU A 118 8.95 -41.73 -26.87
CA GLU A 118 9.00 -43.18 -26.61
C GLU A 118 10.29 -43.60 -25.90
N SER A 119 11.38 -42.92 -26.24
CA SER A 119 12.67 -43.10 -25.58
C SER A 119 12.65 -42.69 -24.10
N VAL A 120 12.00 -41.58 -23.77
CA VAL A 120 11.95 -41.11 -22.39
C VAL A 120 10.70 -41.34 -21.54
N VAL A 121 9.69 -42.06 -22.05
CA VAL A 121 8.41 -42.19 -21.33
C VAL A 121 8.47 -43.05 -20.08
N GLY A 122 9.39 -44.02 -20.09
CA GLY A 122 9.63 -44.84 -18.91
C GLY A 122 10.39 -44.12 -17.81
N LEU A 123 11.08 -43.02 -18.15
CA LEU A 123 11.97 -42.34 -17.21
C LEU A 123 11.37 -41.15 -16.47
N TYR A 124 10.12 -40.81 -16.80
CA TYR A 124 9.45 -39.69 -16.15
C TYR A 124 8.09 -40.07 -15.55
N ASP A 125 7.74 -39.43 -14.45
CA ASP A 125 6.41 -39.58 -13.87
C ASP A 125 5.41 -38.70 -14.59
N TYR A 126 5.86 -37.51 -14.96
CA TYR A 126 5.03 -36.57 -15.68
C TYR A 126 5.85 -35.88 -16.73
N ILE A 127 5.25 -35.70 -17.90
CA ILE A 127 5.84 -34.98 -19.00
C ILE A 127 4.87 -33.86 -19.36
N ILE A 128 5.29 -32.63 -19.18
CA ILE A 128 4.42 -31.50 -19.34
C ILE A 128 4.82 -30.78 -20.62
N ILE A 129 3.85 -30.67 -21.52
CA ILE A 129 4.10 -30.03 -22.79
C ILE A 129 3.41 -28.67 -22.91
N ASP A 130 4.20 -27.65 -23.23
CA ASP A 130 3.72 -26.28 -23.41
C ASP A 130 3.56 -25.94 -24.89
N SER A 131 2.36 -25.59 -25.33
CA SER A 131 2.05 -25.49 -26.77
C SER A 131 1.79 -24.04 -27.23
N PRO A 132 2.01 -23.68 -28.52
CA PRO A 132 1.94 -22.25 -28.89
C PRO A 132 0.50 -21.74 -29.06
N PRO A 133 0.30 -20.42 -29.30
CA PRO A 133 -1.08 -20.00 -29.57
C PRO A 133 -1.59 -20.14 -31.02
N ALA A 134 -1.99 -21.37 -31.37
CA ALA A 134 -2.57 -21.77 -32.64
C ALA A 134 -2.99 -23.23 -32.55
N LEU A 135 -3.90 -23.62 -33.43
CA LEU A 135 -4.32 -25.00 -33.59
C LEU A 135 -3.57 -25.72 -34.72
N GLY A 136 -2.45 -25.15 -35.18
CA GLY A 136 -1.65 -25.75 -36.24
C GLY A 136 -0.83 -26.97 -35.84
N PRO A 137 0.22 -27.29 -36.61
CA PRO A 137 0.95 -28.54 -36.40
C PRO A 137 1.76 -28.66 -35.07
N LEU A 138 2.07 -27.57 -34.39
CA LEU A 138 2.75 -27.70 -33.11
C LEU A 138 1.81 -28.18 -32.00
N THR A 139 0.62 -27.58 -31.89
CA THR A 139 -0.37 -27.97 -30.86
C THR A 139 -0.88 -29.37 -31.09
N ILE A 140 -1.28 -29.63 -32.34
CA ILE A 140 -1.78 -30.91 -32.83
C ILE A 140 -0.83 -32.11 -32.55
N ASN A 141 0.47 -31.89 -32.76
CA ASN A 141 1.51 -32.87 -32.43
C ASN A 141 1.54 -33.24 -30.97
N SER A 142 1.43 -32.22 -30.13
CA SER A 142 1.53 -32.34 -28.69
C SER A 142 0.22 -32.83 -28.12
N LEU A 143 -0.89 -32.40 -28.69
CA LEU A 143 -2.22 -32.91 -28.33
C LEU A 143 -2.40 -34.40 -28.68
N SER A 144 -1.63 -34.89 -29.66
CA SER A 144 -1.61 -36.29 -30.03
C SER A 144 -0.43 -37.05 -29.43
N ALA A 145 0.42 -36.32 -28.71
CA ALA A 145 1.44 -36.94 -27.89
C ALA A 145 0.93 -37.09 -26.46
N ALA A 146 -0.19 -36.44 -26.17
CA ALA A 146 -0.63 -36.28 -24.79
C ALA A 146 -1.60 -37.34 -24.35
N HIS A 147 -1.50 -37.69 -23.08
CA HIS A 147 -2.51 -38.52 -22.42
C HIS A 147 -3.70 -37.67 -21.98
N SER A 148 -3.41 -36.44 -21.59
CA SER A 148 -4.45 -35.57 -21.09
C SER A 148 -4.11 -34.11 -21.37
N VAL A 149 -5.10 -33.25 -21.24
CA VAL A 149 -4.89 -31.84 -21.54
C VAL A 149 -5.46 -30.91 -20.47
N ILE A 150 -4.68 -29.91 -20.11
CA ILE A 150 -5.12 -28.86 -19.22
C ILE A 150 -5.35 -27.61 -20.07
N ILE A 151 -6.50 -26.98 -19.89
CA ILE A 151 -6.88 -25.80 -20.63
C ILE A 151 -6.91 -24.57 -19.71
N PRO A 152 -5.87 -23.71 -19.85
CA PRO A 152 -5.87 -22.42 -19.16
C PRO A 152 -6.87 -21.44 -19.76
N ILE A 153 -7.70 -20.86 -18.90
CA ILE A 153 -8.80 -20.05 -19.35
C ILE A 153 -8.71 -18.71 -18.65
N GLN A 154 -8.42 -17.70 -19.48
CA GLN A 154 -8.48 -16.32 -19.09
C GLN A 154 -9.94 -15.94 -19.31
N CYS A 155 -10.48 -15.22 -18.35
CA CYS A 155 -11.92 -15.13 -18.19
C CYS A 155 -12.61 -14.04 -18.95
N GLU A 156 -11.99 -13.58 -20.03
CA GLU A 156 -12.59 -12.57 -20.84
C GLU A 156 -13.38 -13.16 -22.04
N PHE A 157 -13.96 -12.32 -22.88
CA PHE A 157 -15.00 -12.74 -23.82
C PHE A 157 -14.62 -13.78 -24.92
N PHE A 158 -13.38 -13.79 -25.36
CA PHE A 158 -13.02 -14.67 -26.49
C PHE A 158 -12.78 -16.12 -26.08
N ALA A 159 -12.70 -16.35 -24.77
CA ALA A 159 -12.65 -17.68 -24.19
C ALA A 159 -13.93 -18.51 -24.50
N LEU A 160 -15.10 -17.85 -24.56
CA LEU A 160 -16.39 -18.51 -24.86
C LEU A 160 -16.44 -19.26 -26.19
N GLU A 161 -16.06 -18.57 -27.24
CA GLU A 161 -16.07 -19.13 -28.57
C GLU A 161 -14.86 -20.02 -28.77
N GLY A 162 -13.72 -19.55 -28.26
CA GLY A 162 -12.44 -20.20 -28.40
C GLY A 162 -12.29 -21.56 -27.77
N THR A 163 -12.87 -21.74 -26.58
CA THR A 163 -12.87 -23.04 -25.88
C THR A 163 -13.57 -24.14 -26.69
N LYS A 164 -14.81 -23.86 -27.11
CA LYS A 164 -15.62 -24.76 -27.91
C LYS A 164 -14.94 -25.15 -29.23
N LEU A 165 -14.17 -24.23 -29.83
CA LEU A 165 -13.31 -24.58 -30.95
C LEU A 165 -12.19 -25.58 -30.57
N LEU A 166 -11.52 -25.35 -29.44
CA LEU A 166 -10.42 -26.22 -28.99
C LEU A 166 -10.91 -27.62 -28.60
N LEU A 167 -12.12 -27.68 -28.04
CA LEU A 167 -12.72 -28.96 -27.66
C LEU A 167 -13.13 -29.76 -28.89
N ASN A 168 -13.60 -29.05 -29.92
CA ASN A 168 -13.88 -29.67 -31.20
C ASN A 168 -12.64 -30.19 -31.92
N THR A 169 -11.51 -29.54 -31.66
CA THR A 169 -10.23 -30.03 -32.13
C THR A 169 -9.81 -31.26 -31.31
N ILE A 170 -10.08 -31.21 -30.01
CA ILE A 170 -9.92 -32.37 -29.11
C ILE A 170 -10.83 -33.58 -29.46
N ARG A 171 -12.12 -33.35 -29.76
CA ARG A 171 -13.06 -34.43 -30.16
C ARG A 171 -12.67 -35.09 -31.49
N MET A 172 -12.12 -34.29 -32.41
CA MET A 172 -11.70 -34.77 -33.73
C MET A 172 -10.48 -35.69 -33.58
N LEU A 173 -9.57 -35.32 -32.69
CA LEU A 173 -8.38 -36.12 -32.41
C LEU A 173 -8.73 -37.30 -31.52
N GLN A 174 -9.82 -37.21 -30.77
CA GLN A 174 -10.31 -38.33 -29.94
C GLN A 174 -10.91 -39.42 -30.80
N LYS A 175 -11.38 -39.04 -31.98
CA LYS A 175 -11.95 -40.00 -32.89
C LYS A 175 -10.96 -40.47 -33.96
N SER A 176 -9.75 -39.91 -34.00
CA SER A 176 -8.78 -40.36 -35.00
C SER A 176 -7.36 -40.67 -34.51
N THR A 177 -6.58 -39.63 -34.20
CA THR A 177 -5.15 -39.77 -33.97
C THR A 177 -4.84 -40.25 -32.55
N ASN A 178 -5.54 -39.70 -31.58
CA ASN A 178 -5.31 -40.00 -30.18
C ASN A 178 -6.65 -40.33 -29.50
N PRO A 179 -7.09 -41.59 -29.58
CA PRO A 179 -8.37 -41.93 -28.92
C PRO A 179 -8.34 -41.96 -27.40
N LYS A 180 -7.15 -42.09 -26.81
CA LYS A 180 -7.02 -42.22 -25.36
C LYS A 180 -6.86 -40.87 -24.66
N LEU A 181 -6.88 -39.80 -25.44
CA LEU A 181 -6.77 -38.42 -24.92
C LEU A 181 -7.98 -38.00 -24.10
N LYS A 182 -7.72 -37.53 -22.88
CA LYS A 182 -8.77 -37.10 -21.96
C LYS A 182 -8.62 -35.62 -21.65
N ILE A 183 -9.67 -34.97 -21.17
CA ILE A 183 -9.51 -33.63 -20.65
C ILE A 183 -9.26 -33.72 -19.16
N ARG A 184 -8.06 -33.33 -18.75
CA ARG A 184 -7.61 -33.40 -17.37
C ARG A 184 -8.27 -32.28 -16.61
N GLY A 185 -8.50 -31.17 -17.29
CA GLY A 185 -9.24 -30.09 -16.69
C GLY A 185 -9.18 -28.74 -17.34
N PHE A 186 -9.95 -27.83 -16.76
CA PHE A 186 -10.00 -26.46 -17.19
C PHE A 186 -9.47 -25.74 -15.98
N LEU A 187 -8.49 -24.86 -16.20
CA LEU A 187 -7.87 -24.12 -15.14
C LEU A 187 -8.12 -22.66 -15.41
N PRO A 188 -8.95 -22.01 -14.60
CA PRO A 188 -9.07 -20.56 -14.74
C PRO A 188 -7.78 -19.87 -14.32
N THR A 189 -7.34 -18.87 -15.08
CA THR A 189 -6.03 -18.22 -14.89
C THR A 189 -6.18 -16.71 -15.08
N MET A 190 -5.25 -15.96 -14.49
CA MET A 190 -5.31 -14.49 -14.30
C MET A 190 -6.62 -14.06 -13.66
N HIS A 191 -7.10 -14.87 -12.72
CA HIS A 191 -8.46 -14.75 -12.20
C HIS A 191 -8.63 -13.53 -11.30
N VAL A 192 -9.62 -12.70 -11.61
CA VAL A 192 -9.99 -11.60 -10.74
C VAL A 192 -11.49 -11.77 -10.46
N PRO A 193 -11.86 -12.41 -9.32
CA PRO A 193 -13.25 -12.85 -9.05
C PRO A 193 -14.33 -11.77 -8.99
N GLN A 194 -13.95 -10.50 -8.83
CA GLN A 194 -14.91 -9.40 -8.65
C GLN A 194 -15.55 -8.90 -9.95
N LEU A 195 -14.79 -8.92 -11.04
CA LEU A 195 -15.22 -8.40 -12.35
C LEU A 195 -16.47 -9.09 -12.87
N ASN A 196 -17.40 -8.31 -13.42
CA ASN A 196 -18.64 -8.84 -13.94
C ASN A 196 -18.44 -9.74 -15.15
N LEU A 197 -17.52 -9.34 -16.01
CA LEU A 197 -17.09 -10.15 -17.14
C LEU A 197 -16.52 -11.52 -16.72
N THR A 198 -15.74 -11.55 -15.63
CA THR A 198 -15.17 -12.79 -15.10
C THR A 198 -16.26 -13.71 -14.62
N LYS A 199 -17.18 -13.14 -13.84
CA LYS A 199 -18.41 -13.81 -13.43
C LYS A 199 -19.22 -14.24 -14.65
N GLY A 200 -19.35 -13.33 -15.61
CA GLY A 200 -20.12 -13.56 -16.81
C GLY A 200 -19.59 -14.63 -17.74
N VAL A 201 -18.27 -14.72 -17.86
CA VAL A 201 -17.67 -15.75 -18.70
C VAL A 201 -17.72 -17.13 -18.04
N LEU A 202 -17.40 -17.17 -16.74
CA LEU A 202 -17.46 -18.40 -15.95
C LEU A 202 -18.86 -19.04 -15.91
N ALA A 203 -19.89 -18.20 -15.86
CA ALA A 203 -21.28 -18.65 -15.83
C ALA A 203 -21.70 -19.34 -17.10
N GLU A 204 -21.22 -18.84 -18.23
CA GLU A 204 -21.54 -19.43 -19.52
C GLU A 204 -20.70 -20.67 -19.70
N LEU A 205 -19.53 -20.70 -19.06
CA LEU A 205 -18.66 -21.87 -19.12
C LEU A 205 -19.13 -23.01 -18.21
N PHE A 206 -19.50 -22.68 -16.97
CA PHE A 206 -19.99 -23.66 -15.98
C PHE A 206 -21.32 -24.29 -16.42
N LYS A 207 -22.06 -23.55 -17.25
CA LYS A 207 -23.29 -23.99 -17.87
C LYS A 207 -23.05 -25.25 -18.66
N TYR A 208 -22.13 -25.21 -19.60
CA TYR A 208 -21.74 -26.39 -20.36
C TYR A 208 -20.66 -27.30 -19.74
N PHE A 209 -19.62 -26.67 -19.20
CA PHE A 209 -18.36 -27.35 -18.83
C PHE A 209 -17.98 -27.66 -17.36
N ASP A 210 -18.84 -27.39 -16.37
CA ASP A 210 -18.51 -27.35 -14.92
C ASP A 210 -17.84 -28.60 -14.34
N SER A 211 -18.15 -29.76 -14.92
CA SER A 211 -17.63 -31.04 -14.45
C SER A 211 -16.16 -31.20 -14.83
N GLU A 212 -15.72 -30.36 -15.75
CA GLU A 212 -14.36 -30.36 -16.22
C GLU A 212 -13.44 -29.33 -15.57
N PHE A 213 -13.95 -28.45 -14.71
CA PHE A 213 -13.06 -27.46 -14.09
C PHE A 213 -12.37 -28.10 -12.94
N PHE A 214 -11.15 -27.65 -12.66
CA PHE A 214 -10.35 -28.20 -11.56
C PHE A 214 -10.98 -27.96 -10.20
N ARG A 215 -11.05 -29.01 -9.40
CA ARG A 215 -11.50 -28.83 -8.03
C ARG A 215 -10.45 -29.29 -7.06
N ASP A 216 -10.40 -28.60 -5.92
CA ASP A 216 -9.68 -29.06 -4.75
C ASP A 216 -10.31 -30.38 -4.36
N SER A 217 -9.49 -31.42 -4.18
CA SER A 217 -10.04 -32.72 -3.82
C SER A 217 -10.25 -32.86 -2.31
N ALA A 218 -9.94 -31.79 -1.57
CA ALA A 218 -10.27 -31.69 -0.16
C ALA A 218 -11.54 -30.83 0.05
N THR A 219 -11.44 -29.54 -0.22
CA THR A 219 -12.55 -28.59 0.03
C THR A 219 -13.67 -28.60 -1.02
N GLY A 220 -13.34 -28.94 -2.27
CA GLY A 220 -14.35 -28.94 -3.32
C GLY A 220 -14.48 -27.62 -4.05
N GLU A 221 -13.80 -26.59 -3.55
CA GLU A 221 -13.76 -25.30 -4.22
C GLU A 221 -12.98 -25.44 -5.50
N TYR A 222 -13.29 -24.55 -6.45
CA TYR A 222 -12.61 -24.46 -7.71
C TYR A 222 -11.17 -24.07 -7.50
N ILE A 223 -10.28 -24.62 -8.34
CA ILE A 223 -8.88 -24.20 -8.38
C ILE A 223 -8.68 -23.16 -9.48
N MET A 224 -8.44 -21.93 -9.08
CA MET A 224 -8.23 -20.86 -10.04
C MET A 224 -6.89 -20.17 -9.72
N ILE A 225 -6.13 -19.79 -10.74
CA ILE A 225 -4.87 -19.06 -10.51
C ILE A 225 -5.16 -17.57 -10.53
N PRO A 226 -4.90 -16.88 -9.39
CA PRO A 226 -5.28 -15.47 -9.27
C PRO A 226 -4.33 -14.57 -10.02
N LYS A 227 -4.76 -13.36 -10.31
CA LYS A 227 -3.94 -12.41 -11.04
C LYS A 227 -2.97 -11.92 -9.99
N SER A 228 -1.69 -12.25 -10.19
CA SER A 228 -0.64 -11.96 -9.22
C SER A 228 0.56 -11.55 -10.03
N VAL A 229 1.09 -10.34 -9.82
CA VAL A 229 2.23 -9.88 -10.62
C VAL A 229 3.55 -10.60 -10.30
N LYS A 230 3.58 -11.31 -9.18
CA LYS A 230 4.70 -12.18 -8.85
C LYS A 230 4.92 -13.32 -9.84
N LEU A 231 3.85 -13.83 -10.45
CA LEU A 231 4.03 -14.88 -11.46
C LEU A 231 4.53 -14.27 -12.75
N ALA A 232 4.28 -12.98 -12.92
CA ALA A 232 4.76 -12.30 -14.09
C ALA A 232 6.24 -11.89 -13.89
N GLU A 233 6.62 -11.64 -12.65
CA GLU A 233 7.99 -11.27 -12.35
C GLU A 233 8.93 -12.46 -12.30
N SER A 234 8.45 -13.56 -11.75
CA SER A 234 9.20 -14.82 -11.65
C SER A 234 10.01 -15.38 -12.85
N PRO A 235 9.48 -15.35 -14.09
CA PRO A 235 10.40 -15.72 -15.18
C PRO A 235 11.55 -14.71 -15.46
N SER A 236 11.45 -13.47 -14.98
CA SER A 236 12.55 -12.50 -15.21
C SER A 236 13.81 -12.91 -14.42
N PHE A 237 13.60 -13.66 -13.34
CA PHE A 237 14.70 -14.18 -12.55
C PHE A 237 15.09 -15.60 -12.94
N GLY A 238 14.44 -16.12 -13.97
CA GLY A 238 14.72 -17.48 -14.43
C GLY A 238 14.26 -18.56 -13.47
N LYS A 239 13.21 -18.25 -12.69
CA LYS A 239 12.72 -19.14 -11.66
C LYS A 239 11.23 -19.45 -11.82
N PRO A 240 10.79 -20.66 -11.42
CA PRO A 240 9.35 -20.82 -11.20
C PRO A 240 8.92 -20.10 -9.93
N ILE A 241 7.62 -19.83 -9.77
CA ILE A 241 7.09 -19.07 -8.63
C ILE A 241 7.48 -19.60 -7.23
N LEU A 242 7.56 -20.93 -7.07
CA LEU A 242 7.83 -21.53 -5.77
C LEU A 242 9.26 -21.30 -5.26
N LEU A 243 10.19 -21.10 -6.18
CA LEU A 243 11.53 -20.67 -5.84
C LEU A 243 11.60 -19.14 -5.65
N TYR A 244 10.92 -18.40 -6.53
CA TYR A 244 10.81 -16.95 -6.39
C TYR A 244 10.12 -16.49 -5.11
N ASP A 245 8.82 -16.74 -5.04
CA ASP A 245 8.00 -16.41 -3.87
C ASP A 245 7.05 -17.57 -3.62
N ILE A 246 7.27 -18.37 -2.56
CA ILE A 246 6.49 -19.61 -2.35
C ILE A 246 5.23 -19.38 -1.50
N LYS A 247 5.14 -18.22 -0.85
CA LYS A 247 3.97 -17.95 -0.02
C LYS A 247 2.90 -17.14 -0.74
N SER A 248 3.24 -16.64 -1.93
CA SER A 248 2.31 -15.80 -2.71
C SER A 248 1.11 -16.61 -3.22
N ASN A 249 0.03 -15.89 -3.50
CA ASN A 249 -1.26 -16.41 -3.93
C ASN A 249 -1.22 -17.38 -5.10
N GLY A 250 -0.41 -17.03 -6.11
CA GLY A 250 -0.24 -17.83 -7.31
C GLY A 250 0.51 -19.13 -7.06
N SER A 251 1.50 -19.12 -6.17
CA SER A 251 2.24 -20.32 -5.86
C SER A 251 1.39 -21.33 -5.10
N ILE A 252 0.55 -20.81 -4.19
CA ILE A 252 -0.37 -21.67 -3.46
C ILE A 252 -1.39 -22.33 -4.40
N ALA A 253 -1.94 -21.53 -5.30
CA ALA A 253 -2.85 -22.00 -6.34
C ALA A 253 -2.23 -23.03 -7.31
N TYR A 254 -0.96 -22.82 -7.66
CA TYR A 254 -0.22 -23.81 -8.44
C TYR A 254 0.18 -25.06 -7.64
N GLN A 255 0.27 -24.94 -6.31
CA GLN A 255 0.59 -26.08 -5.48
C GLN A 255 -0.63 -26.97 -5.37
N LYS A 256 -1.76 -26.34 -5.05
CA LYS A 256 -3.10 -26.95 -4.96
C LYS A 256 -3.49 -27.67 -6.25
N LEU A 257 -3.03 -27.14 -7.38
CA LEU A 257 -3.26 -27.76 -8.68
C LEU A 257 -2.49 -29.06 -8.80
N ALA A 258 -1.21 -29.08 -8.41
CA ALA A 258 -0.39 -30.32 -8.43
C ALA A 258 -0.90 -31.42 -7.51
N GLN A 259 -1.52 -31.04 -6.40
CA GLN A 259 -2.10 -32.04 -5.52
C GLN A 259 -3.40 -32.60 -6.06
N SER A 260 -4.08 -31.85 -6.92
CA SER A 260 -5.32 -32.30 -7.53
C SER A 260 -5.06 -33.08 -8.81
N ILE A 261 -3.79 -33.23 -9.14
CA ILE A 261 -3.30 -33.93 -10.31
C ILE A 261 -2.84 -35.28 -9.77
N LEU A 262 -2.00 -35.22 -8.75
CA LEU A 262 -1.33 -36.37 -8.12
C LEU A 262 -2.21 -37.52 -7.57
N GLN A 263 -3.51 -37.31 -7.48
CA GLN A 263 -4.40 -38.39 -7.06
C GLN A 263 -5.15 -39.04 -8.23
N GLY A 264 -6.17 -38.36 -8.74
CA GLY A 264 -7.00 -38.92 -9.80
C GLY A 264 -6.36 -38.79 -11.15
N MET B 1 -5.32 9.92 -53.99
CA MET B 1 -4.53 9.34 -52.91
C MET B 1 -4.72 7.82 -52.82
N MET B 2 -3.96 7.16 -51.94
CA MET B 2 -4.13 5.72 -51.72
C MET B 2 -3.97 5.36 -50.24
N SER B 3 -4.41 4.15 -49.86
CA SER B 3 -4.47 3.73 -48.45
C SER B 3 -3.13 3.58 -47.77
N GLU B 4 -3.03 4.10 -46.55
CA GLU B 4 -1.96 3.62 -45.67
C GLU B 4 -2.40 2.29 -45.09
N ILE B 5 -1.58 1.27 -45.31
CA ILE B 5 -1.90 -0.05 -44.80
C ILE B 5 -1.12 -0.28 -43.52
N ILE B 6 -1.84 -0.29 -42.40
CA ILE B 6 -1.20 -0.49 -41.11
C ILE B 6 -1.42 -1.90 -40.57
N ALA B 7 -0.34 -2.67 -40.43
CA ALA B 7 -0.45 -4.00 -39.82
C ALA B 7 -0.38 -3.89 -38.31
N VAL B 8 -1.28 -4.53 -37.59
CA VAL B 8 -1.11 -4.59 -36.14
C VAL B 8 -0.56 -5.96 -35.79
N ALA B 9 0.73 -6.00 -35.44
CA ALA B 9 1.47 -7.26 -35.25
C ALA B 9 2.36 -7.34 -33.99
N ASN B 10 2.23 -8.43 -33.23
CA ASN B 10 3.20 -8.86 -32.23
C ASN B 10 3.00 -10.38 -32.13
N GLN B 11 4.09 -11.13 -32.05
CA GLN B 11 4.00 -12.59 -32.06
C GLN B 11 3.75 -13.15 -30.66
N LYS B 12 3.83 -12.30 -29.64
CA LYS B 12 3.46 -12.71 -28.31
C LYS B 12 1.95 -12.79 -28.25
N GLY B 13 1.46 -13.84 -27.63
CA GLY B 13 0.05 -13.97 -27.46
C GLY B 13 -0.59 -12.98 -26.49
N GLY B 14 -1.78 -12.50 -26.86
CA GLY B 14 -2.62 -11.72 -25.99
C GLY B 14 -2.11 -10.41 -25.47
N VAL B 15 -1.29 -9.75 -26.27
CA VAL B 15 -0.83 -8.40 -25.96
C VAL B 15 -1.75 -7.30 -26.45
N GLY B 16 -2.94 -7.63 -26.94
CA GLY B 16 -3.88 -6.62 -27.36
C GLY B 16 -3.93 -6.20 -28.83
N LYS B 17 -3.49 -7.09 -29.73
CA LYS B 17 -3.52 -6.83 -31.17
C LYS B 17 -4.91 -6.56 -31.72
N THR B 18 -5.86 -7.42 -31.33
CA THR B 18 -7.21 -7.34 -31.84
C THR B 18 -7.96 -6.14 -31.30
N THR B 19 -7.91 -5.93 -29.97
CA THR B 19 -8.45 -4.70 -29.37
C THR B 19 -7.88 -3.39 -29.94
N THR B 20 -6.57 -3.36 -30.19
CA THR B 20 -5.91 -2.24 -30.88
C THR B 20 -6.39 -2.11 -32.33
N ALA B 21 -6.36 -3.20 -33.08
CA ALA B 21 -6.82 -3.17 -34.46
C ALA B 21 -8.33 -2.84 -34.61
N VAL B 22 -9.17 -3.37 -33.73
CA VAL B 22 -10.59 -3.02 -33.74
C VAL B 22 -10.85 -1.54 -33.35
N ASN B 23 -10.22 -1.07 -32.27
CA ASN B 23 -10.51 0.29 -31.80
C ASN B 23 -9.80 1.42 -32.50
N LEU B 24 -8.69 1.13 -33.17
CA LEU B 24 -8.04 2.16 -33.94
C LEU B 24 -8.83 2.37 -35.21
N ALA B 25 -9.29 1.27 -35.79
CA ALA B 25 -10.08 1.32 -37.03
C ALA B 25 -11.41 2.04 -36.81
N ALA B 26 -11.95 1.89 -35.61
CA ALA B 26 -13.18 2.56 -35.28
C ALA B 26 -12.94 4.01 -34.93
N SER B 27 -11.85 4.28 -34.23
CA SER B 27 -11.51 5.68 -33.94
C SER B 27 -11.08 6.49 -35.19
N LEU B 28 -10.53 5.80 -36.17
CA LEU B 28 -10.17 6.47 -37.39
C LEU B 28 -11.43 6.77 -38.23
N ALA B 29 -12.42 5.89 -38.16
CA ALA B 29 -13.64 5.99 -38.96
C ALA B 29 -14.58 7.13 -38.56
N VAL B 30 -14.67 7.43 -37.26
CA VAL B 30 -15.51 8.54 -36.78
C VAL B 30 -14.96 9.94 -37.10
N HIS B 31 -13.75 10.00 -37.66
CA HIS B 31 -13.16 11.19 -38.25
C HIS B 31 -13.55 11.35 -39.73
N GLU B 32 -14.51 10.52 -40.17
CA GLU B 32 -15.06 10.45 -41.53
C GLU B 32 -14.00 9.94 -42.51
N LYS B 33 -13.18 9.01 -42.04
CA LYS B 33 -12.15 8.36 -42.84
C LYS B 33 -12.61 6.95 -43.23
N LYS B 34 -12.38 6.51 -44.47
CA LYS B 34 -12.86 5.19 -44.91
C LYS B 34 -11.89 4.08 -44.51
N ILE B 35 -12.38 3.14 -43.71
CA ILE B 35 -11.51 2.20 -43.01
C ILE B 35 -11.85 0.74 -43.33
N LEU B 36 -10.84 -0.02 -43.69
CA LEU B 36 -11.04 -1.42 -43.95
C LEU B 36 -10.26 -2.20 -42.90
N LEU B 37 -10.95 -2.97 -42.08
CA LEU B 37 -10.26 -3.78 -41.07
C LEU B 37 -10.21 -5.20 -41.60
N ILE B 38 -9.01 -5.79 -41.64
CA ILE B 38 -8.88 -7.16 -42.09
C ILE B 38 -8.58 -8.04 -40.91
N ASP B 39 -9.44 -9.03 -40.67
CA ASP B 39 -9.19 -9.98 -39.60
C ASP B 39 -8.34 -11.01 -40.30
N PHE B 40 -7.06 -10.96 -39.98
CA PHE B 40 -6.07 -11.82 -40.59
C PHE B 40 -5.70 -13.00 -39.69
N ALA B 41 -6.50 -13.25 -38.67
CA ALA B 41 -6.17 -14.30 -37.72
C ALA B 41 -7.22 -15.42 -37.76
N PRO B 42 -6.77 -16.69 -37.65
CA PRO B 42 -7.70 -17.83 -37.70
C PRO B 42 -8.59 -17.94 -36.48
N GLN B 43 -8.17 -17.36 -35.35
CA GLN B 43 -8.99 -17.32 -34.14
C GLN B 43 -10.18 -16.37 -34.33
N ALA B 44 -9.99 -15.40 -35.23
CA ALA B 44 -11.04 -14.52 -35.76
C ALA B 44 -11.72 -13.66 -34.70
N ASN B 45 -10.91 -13.10 -33.80
CA ASN B 45 -11.43 -12.28 -32.71
C ASN B 45 -11.90 -10.90 -33.16
N ALA B 46 -11.27 -10.33 -34.18
CA ALA B 46 -11.70 -9.05 -34.74
C ALA B 46 -13.12 -9.14 -35.31
N THR B 47 -13.43 -10.22 -36.04
CA THR B 47 -14.77 -10.51 -36.57
C THR B 47 -15.85 -10.63 -35.49
N SER B 48 -15.57 -11.44 -34.48
CA SER B 48 -16.38 -11.53 -33.28
C SER B 48 -16.58 -10.16 -32.56
N SER B 49 -15.54 -9.32 -32.54
CA SER B 49 -15.58 -8.00 -31.88
C SER B 49 -16.52 -7.00 -32.54
N LEU B 50 -16.78 -7.18 -33.83
CA LEU B 50 -17.73 -6.36 -34.56
C LEU B 50 -19.11 -7.00 -34.66
N GLY B 51 -19.26 -8.18 -34.06
CA GLY B 51 -20.54 -8.84 -33.94
C GLY B 51 -21.00 -9.59 -35.18
N PHE B 52 -20.07 -10.28 -35.81
CA PHE B 52 -20.37 -11.20 -36.90
C PHE B 52 -20.01 -12.60 -36.44
N ARG B 53 -21.03 -13.43 -36.22
CA ARG B 53 -20.81 -14.81 -35.82
C ARG B 53 -20.37 -15.59 -37.07
N ARG B 54 -19.44 -16.54 -36.88
CA ARG B 54 -18.69 -17.23 -37.96
C ARG B 54 -19.51 -17.90 -39.07
N ASP B 55 -20.69 -18.40 -38.71
CA ASP B 55 -21.51 -19.11 -39.67
C ASP B 55 -22.53 -18.23 -40.41
N LYS B 56 -22.51 -16.92 -40.16
CA LYS B 56 -23.37 -15.98 -40.87
C LYS B 56 -22.81 -15.65 -42.26
N ILE B 57 -21.50 -15.53 -42.34
CA ILE B 57 -20.85 -15.13 -43.59
C ILE B 57 -20.33 -16.34 -44.41
N ASP B 58 -20.68 -16.32 -45.70
CA ASP B 58 -20.36 -17.38 -46.64
C ASP B 58 -18.86 -17.56 -46.86
N TYR B 59 -18.22 -16.52 -47.38
CA TYR B 59 -16.86 -16.65 -47.90
C TYR B 59 -15.92 -15.64 -47.25
N ASP B 60 -14.74 -16.11 -46.85
CA ASP B 60 -13.80 -15.33 -46.04
C ASP B 60 -12.47 -15.01 -46.75
N ILE B 61 -11.54 -14.44 -45.98
CA ILE B 61 -10.23 -14.02 -46.45
C ILE B 61 -9.38 -15.17 -47.01
N TYR B 62 -9.61 -16.39 -46.51
CA TYR B 62 -8.94 -17.59 -47.00
C TYR B 62 -9.34 -17.87 -48.43
N HIS B 63 -10.60 -17.56 -48.75
CA HIS B 63 -11.14 -17.78 -50.07
C HIS B 63 -10.72 -16.70 -51.06
N VAL B 64 -10.22 -15.58 -50.55
CA VAL B 64 -9.60 -14.55 -51.37
C VAL B 64 -8.14 -14.87 -51.72
N LEU B 65 -7.39 -15.35 -50.72
CA LEU B 65 -6.01 -15.82 -50.89
C LEU B 65 -5.93 -17.02 -51.83
N ILE B 66 -6.90 -17.92 -51.72
CA ILE B 66 -7.05 -19.08 -52.61
C ILE B 66 -7.36 -18.60 -54.03
N GLY B 67 -8.26 -17.63 -54.13
CA GLY B 67 -8.67 -17.09 -55.41
C GLY B 67 -10.04 -17.54 -55.84
N ARG B 68 -10.77 -18.17 -54.92
CA ARG B 68 -12.17 -18.52 -55.12
C ARG B 68 -13.00 -17.25 -55.27
N LYS B 69 -12.68 -16.25 -54.45
CA LYS B 69 -13.30 -14.93 -54.52
C LYS B 69 -12.25 -13.83 -54.63
N GLN B 70 -12.68 -12.67 -55.10
CA GLN B 70 -11.85 -11.48 -55.02
C GLN B 70 -12.37 -10.75 -53.81
N ILE B 71 -11.48 -10.04 -53.15
CA ILE B 71 -11.68 -9.39 -51.85
C ILE B 71 -12.90 -8.47 -51.75
N SER B 72 -13.24 -7.82 -52.87
CA SER B 72 -14.41 -6.94 -53.05
C SER B 72 -15.76 -7.54 -52.62
N GLN B 73 -15.92 -8.84 -52.81
CA GLN B 73 -17.16 -9.53 -52.49
C GLN B 73 -17.29 -9.82 -51.00
N VAL B 74 -16.20 -10.25 -50.37
CA VAL B 74 -16.23 -10.74 -48.98
C VAL B 74 -16.34 -9.64 -47.90
N ILE B 75 -16.32 -8.37 -48.33
CA ILE B 75 -16.35 -7.18 -47.47
C ILE B 75 -17.75 -6.87 -46.92
N LEU B 76 -17.84 -6.62 -45.62
CA LEU B 76 -19.11 -6.35 -44.94
C LEU B 76 -19.20 -4.93 -44.40
N LYS B 77 -20.39 -4.35 -44.49
CA LYS B 77 -20.65 -3.10 -43.83
C LYS B 77 -20.83 -3.41 -42.34
N THR B 78 -20.24 -2.58 -41.48
CA THR B 78 -20.44 -2.75 -40.04
C THR B 78 -21.49 -1.82 -39.47
N GLN B 79 -21.59 -1.77 -38.14
CA GLN B 79 -22.46 -0.83 -37.41
C GLN B 79 -22.04 0.61 -37.71
N MET B 80 -20.74 0.82 -37.84
CA MET B 80 -20.21 2.08 -38.27
C MET B 80 -20.38 2.20 -39.78
N PRO B 81 -20.72 3.40 -40.26
CA PRO B 81 -20.86 3.59 -41.71
C PRO B 81 -19.49 3.52 -42.41
N PHE B 82 -18.47 4.07 -41.73
CA PHE B 82 -17.12 4.13 -42.30
C PHE B 82 -16.22 2.94 -41.98
N LEU B 83 -16.76 1.89 -41.39
CA LEU B 83 -15.93 0.74 -41.07
C LEU B 83 -16.32 -0.54 -41.81
N ASP B 84 -15.41 -1.05 -42.63
CA ASP B 84 -15.65 -2.27 -43.35
C ASP B 84 -14.73 -3.37 -42.83
N LEU B 85 -15.20 -4.60 -42.91
CA LEU B 85 -14.47 -5.76 -42.40
C LEU B 85 -14.32 -6.88 -43.42
N VAL B 86 -13.09 -7.30 -43.68
CA VAL B 86 -12.87 -8.60 -44.29
C VAL B 86 -12.81 -9.57 -43.11
N PRO B 87 -13.86 -10.39 -42.94
CA PRO B 87 -13.98 -11.22 -41.75
C PRO B 87 -13.07 -12.44 -41.83
N SER B 88 -12.86 -13.09 -40.71
CA SER B 88 -12.15 -14.36 -40.74
C SER B 88 -12.93 -15.46 -40.04
N ASN B 89 -12.33 -16.65 -40.06
CA ASN B 89 -12.93 -17.91 -39.66
C ASN B 89 -11.71 -18.85 -39.42
N LEU B 90 -11.87 -19.98 -38.74
CA LEU B 90 -10.74 -20.93 -38.57
C LEU B 90 -10.23 -21.62 -39.85
N GLY B 91 -11.00 -21.52 -40.95
CA GLY B 91 -10.59 -22.04 -42.24
C GLY B 91 -9.39 -21.32 -42.84
N LEU B 92 -9.12 -20.11 -42.34
CA LEU B 92 -7.96 -19.31 -42.71
C LEU B 92 -6.65 -19.97 -42.27
N ALA B 93 -6.69 -20.79 -41.22
CA ALA B 93 -5.50 -21.56 -40.79
C ALA B 93 -4.96 -22.55 -41.83
N GLY B 94 -5.82 -22.94 -42.77
CA GLY B 94 -5.45 -23.75 -43.91
C GLY B 94 -4.69 -23.03 -45.00
N PHE B 95 -4.48 -21.71 -44.88
CA PHE B 95 -3.55 -20.98 -45.73
C PHE B 95 -2.09 -21.43 -45.52
N GLU B 96 -1.79 -21.93 -44.32
CA GLU B 96 -0.41 -22.28 -43.95
C GLU B 96 0.19 -23.41 -44.80
N LYS B 97 -0.61 -24.39 -45.21
CA LYS B 97 -0.18 -25.39 -46.19
C LYS B 97 0.05 -24.75 -47.55
N THR B 98 -0.93 -23.95 -47.98
CA THR B 98 -0.91 -23.15 -49.21
C THR B 98 0.29 -22.18 -49.28
N PHE B 99 0.81 -21.73 -48.14
CA PHE B 99 2.03 -20.91 -48.12
C PHE B 99 3.29 -21.65 -48.59
N TYR B 100 3.61 -22.79 -47.98
CA TYR B 100 4.88 -23.47 -48.24
C TYR B 100 4.92 -24.19 -49.58
N ASP B 101 3.75 -24.33 -50.19
CA ASP B 101 3.65 -24.74 -51.58
C ASP B 101 3.53 -23.57 -52.58
N SER B 102 3.32 -22.34 -52.09
CA SER B 102 3.41 -21.16 -52.98
C SER B 102 4.74 -20.42 -52.90
N GLN B 103 5.59 -20.81 -51.96
CA GLN B 103 6.96 -20.29 -51.94
C GLN B 103 7.81 -21.30 -52.70
N ASP B 104 7.21 -22.46 -52.96
CA ASP B 104 7.84 -23.53 -53.70
C ASP B 104 7.88 -23.24 -55.21
N GLU B 105 7.13 -22.23 -55.65
CA GLU B 105 7.11 -21.88 -57.07
C GLU B 105 7.85 -20.57 -57.43
N ASN B 106 7.19 -19.44 -57.21
CA ASN B 106 7.69 -18.13 -57.65
C ASN B 106 8.36 -17.26 -56.59
N LYS B 107 8.44 -17.77 -55.36
CA LYS B 107 8.72 -17.00 -54.13
C LYS B 107 7.65 -15.89 -53.90
N ARG B 108 6.42 -16.23 -54.30
CA ARG B 108 5.28 -15.30 -54.34
C ARG B 108 4.38 -15.42 -53.11
N GLY B 109 4.70 -16.36 -52.23
CA GLY B 109 3.83 -16.71 -51.12
C GLY B 109 3.74 -15.70 -49.99
N GLU B 110 4.73 -14.82 -49.89
CA GLU B 110 4.75 -13.77 -48.88
C GLU B 110 3.78 -12.65 -49.26
N LEU B 111 3.55 -12.53 -50.57
CA LEU B 111 2.82 -11.41 -51.14
C LEU B 111 1.37 -11.64 -51.48
N MET B 112 0.85 -12.82 -51.12
CA MET B 112 -0.53 -13.23 -51.42
C MET B 112 -1.60 -12.26 -50.92
N LEU B 113 -1.40 -11.75 -49.70
CA LEU B 113 -2.28 -10.73 -49.14
C LEU B 113 -2.11 -9.40 -49.90
N LYS B 114 -0.85 -8.98 -50.10
CA LYS B 114 -0.50 -7.75 -50.83
C LYS B 114 -1.07 -7.68 -52.25
N ASN B 115 -0.95 -8.78 -52.99
CA ASN B 115 -1.60 -8.86 -54.30
C ASN B 115 -3.13 -8.87 -54.22
N ALA B 116 -3.66 -9.41 -53.13
CA ALA B 116 -5.10 -9.42 -52.94
C ALA B 116 -5.61 -8.03 -52.59
N LEU B 117 -4.80 -7.24 -51.88
CA LEU B 117 -5.24 -5.90 -51.47
C LEU B 117 -5.22 -4.83 -52.56
N GLU B 118 -4.66 -5.18 -53.72
CA GLU B 118 -4.42 -4.22 -54.80
C GLU B 118 -5.68 -3.63 -55.42
N SER B 119 -6.72 -4.45 -55.52
CA SER B 119 -8.04 -4.00 -55.97
C SER B 119 -8.68 -2.97 -55.05
N VAL B 120 -8.43 -3.10 -53.75
CA VAL B 120 -9.06 -2.24 -52.73
C VAL B 120 -8.22 -1.07 -52.10
N VAL B 121 -7.00 -0.84 -52.57
CA VAL B 121 -6.16 0.22 -51.96
C VAL B 121 -6.58 1.66 -52.23
N GLY B 122 -7.19 1.95 -53.38
CA GLY B 122 -7.70 3.28 -53.67
C GLY B 122 -9.09 3.50 -53.11
N LEU B 123 -9.65 2.45 -52.52
CA LEU B 123 -11.00 2.49 -51.99
C LEU B 123 -11.05 2.83 -50.50
N TYR B 124 -9.90 2.83 -49.82
CA TYR B 124 -9.85 3.12 -48.38
C TYR B 124 -8.74 4.08 -48.01
N ASP B 125 -8.92 4.80 -46.91
CA ASP B 125 -7.94 5.74 -46.40
C ASP B 125 -6.89 4.99 -45.59
N TYR B 126 -7.41 4.09 -44.77
CA TYR B 126 -6.58 3.25 -43.93
C TYR B 126 -7.06 1.80 -44.03
N ILE B 127 -6.09 0.90 -44.04
CA ILE B 127 -6.39 -0.50 -44.01
C ILE B 127 -5.70 -1.08 -42.78
N ILE B 128 -6.48 -1.61 -41.86
CA ILE B 128 -5.90 -2.08 -40.60
C ILE B 128 -5.92 -3.58 -40.61
N ILE B 129 -4.76 -4.19 -40.40
CA ILE B 129 -4.65 -5.64 -40.43
C ILE B 129 -4.44 -6.23 -39.04
N ASP B 130 -5.33 -7.13 -38.64
CA ASP B 130 -5.15 -7.84 -37.38
C ASP B 130 -4.43 -9.18 -37.54
N SER B 131 -3.15 -9.24 -37.15
CA SER B 131 -2.29 -10.42 -37.30
C SER B 131 -2.34 -11.42 -36.11
N PRO B 132 -2.15 -12.74 -36.35
CA PRO B 132 -2.25 -13.70 -35.25
C PRO B 132 -0.95 -13.73 -34.40
N PRO B 133 -0.89 -14.48 -33.28
CA PRO B 133 0.37 -14.61 -32.52
C PRO B 133 1.41 -15.65 -32.99
N ALA B 134 2.24 -15.28 -33.97
CA ALA B 134 3.36 -16.06 -34.50
C ALA B 134 4.15 -15.19 -35.47
N LEU B 135 5.36 -15.63 -35.80
CA LEU B 135 6.17 -15.00 -36.84
C LEU B 135 6.04 -15.76 -38.16
N GLY B 136 5.15 -16.74 -38.19
CA GLY B 136 4.89 -17.52 -39.38
C GLY B 136 4.12 -16.78 -40.47
N PRO B 137 3.66 -17.51 -41.50
CA PRO B 137 3.18 -16.99 -42.79
C PRO B 137 2.13 -15.89 -42.79
N LEU B 138 1.07 -16.02 -41.99
CA LEU B 138 0.01 -15.00 -41.91
C LEU B 138 0.52 -13.64 -41.42
N THR B 139 1.38 -13.64 -40.41
CA THR B 139 1.98 -12.40 -39.94
C THR B 139 2.98 -11.82 -40.97
N ILE B 140 3.70 -12.68 -41.69
CA ILE B 140 4.61 -12.25 -42.75
C ILE B 140 3.86 -11.62 -43.94
N ASN B 141 2.71 -12.20 -44.30
CA ASN B 141 1.86 -11.64 -45.35
C ASN B 141 1.31 -10.28 -44.94
N SER B 142 0.86 -10.22 -43.70
CA SER B 142 0.43 -8.99 -43.05
C SER B 142 1.51 -7.90 -43.04
N LEU B 143 2.74 -8.31 -42.80
CA LEU B 143 3.88 -7.39 -42.75
C LEU B 143 4.39 -7.02 -44.15
N SER B 144 4.28 -7.95 -45.10
CA SER B 144 4.75 -7.66 -46.46
C SER B 144 3.75 -6.80 -47.24
N ALA B 145 2.51 -6.74 -46.75
CA ALA B 145 1.47 -5.97 -47.42
C ALA B 145 1.38 -4.54 -46.87
N ALA B 146 2.19 -4.25 -45.85
CA ALA B 146 1.99 -3.02 -45.09
C ALA B 146 2.95 -1.88 -45.42
N HIS B 147 2.44 -0.66 -45.33
CA HIS B 147 3.31 0.51 -45.30
C HIS B 147 3.88 0.61 -43.90
N SER B 148 3.01 0.50 -42.90
CA SER B 148 3.49 0.64 -41.51
C SER B 148 2.96 -0.43 -40.53
N VAL B 149 3.62 -0.55 -39.38
CA VAL B 149 3.25 -1.58 -38.40
C VAL B 149 3.14 -1.02 -36.99
N ILE B 150 2.03 -1.29 -36.33
CA ILE B 150 1.90 -0.99 -34.91
C ILE B 150 2.35 -2.19 -34.07
N ILE B 151 3.19 -1.95 -33.06
CA ILE B 151 3.53 -2.99 -32.11
C ILE B 151 2.85 -2.74 -30.77
N PRO B 152 1.83 -3.55 -30.44
CA PRO B 152 1.34 -3.55 -29.06
C PRO B 152 2.33 -4.23 -28.09
N ILE B 153 2.59 -3.59 -26.96
CA ILE B 153 3.50 -4.14 -25.96
C ILE B 153 2.80 -4.19 -24.62
N GLN B 154 2.53 -5.41 -24.16
CA GLN B 154 2.05 -5.67 -22.83
C GLN B 154 3.30 -5.52 -22.00
N CYS B 155 3.28 -4.73 -20.92
CA CYS B 155 4.57 -4.35 -20.39
C CYS B 155 4.89 -5.31 -19.29
N GLU B 156 5.51 -6.41 -19.67
CA GLU B 156 5.78 -7.56 -18.77
C GLU B 156 7.00 -8.20 -19.39
N PHE B 157 7.55 -9.24 -18.77
CA PHE B 157 8.91 -9.66 -19.03
C PHE B 157 9.19 -10.24 -20.43
N PHE B 158 8.19 -10.88 -21.01
CA PHE B 158 8.43 -11.66 -22.22
C PHE B 158 8.52 -10.75 -23.43
N ALA B 159 8.03 -9.54 -23.23
CA ALA B 159 8.08 -8.52 -24.22
C ALA B 159 9.52 -8.06 -24.54
N LEU B 160 10.45 -8.17 -23.57
CA LEU B 160 11.86 -7.72 -23.82
C LEU B 160 12.56 -8.54 -24.91
N GLU B 161 12.63 -9.84 -24.69
CA GLU B 161 13.04 -10.83 -25.68
C GLU B 161 12.16 -10.82 -26.94
N GLY B 162 10.85 -10.66 -26.75
CA GLY B 162 9.89 -10.83 -27.82
C GLY B 162 9.85 -9.72 -28.84
N THR B 163 9.85 -8.47 -28.38
CA THR B 163 9.80 -7.28 -29.27
C THR B 163 11.01 -7.20 -30.19
N LYS B 164 12.19 -7.37 -29.58
CA LYS B 164 13.50 -7.52 -30.23
C LYS B 164 13.49 -8.54 -31.38
N LEU B 165 12.83 -9.67 -31.16
CA LEU B 165 12.67 -10.68 -32.20
C LEU B 165 11.85 -10.21 -33.39
N LEU B 166 10.86 -9.36 -33.13
CA LEU B 166 9.94 -8.92 -34.18
C LEU B 166 10.59 -7.83 -35.03
N LEU B 167 11.44 -7.03 -34.39
CA LEU B 167 12.13 -5.97 -35.10
C LEU B 167 13.14 -6.50 -36.10
N ASN B 168 13.81 -7.58 -35.76
CA ASN B 168 14.76 -8.13 -36.69
C ASN B 168 14.12 -9.07 -37.70
N THR B 169 12.84 -9.35 -37.51
CA THR B 169 12.02 -9.95 -38.56
C THR B 169 11.54 -8.85 -39.51
N ILE B 170 11.18 -7.71 -38.92
CA ILE B 170 10.82 -6.50 -39.67
C ILE B 170 12.01 -5.96 -40.47
N ARG B 171 13.18 -5.87 -39.82
CA ARG B 171 14.44 -5.43 -40.45
C ARG B 171 14.86 -6.34 -41.63
N MET B 172 14.58 -7.63 -41.51
CA MET B 172 14.78 -8.60 -42.58
C MET B 172 13.97 -8.29 -43.86
N LEU B 173 12.70 -7.90 -43.68
CA LEU B 173 11.85 -7.59 -44.83
C LEU B 173 12.11 -6.18 -45.36
N GLN B 174 12.72 -5.32 -44.53
CA GLN B 174 13.01 -3.95 -44.93
C GLN B 174 14.20 -3.92 -45.86
N LYS B 175 15.07 -4.92 -45.72
CA LYS B 175 16.14 -5.11 -46.66
C LYS B 175 15.83 -6.17 -47.72
N SER B 176 14.68 -6.85 -47.62
CA SER B 176 14.27 -7.75 -48.71
C SER B 176 12.90 -7.51 -49.37
N THR B 177 11.81 -7.95 -48.73
CA THR B 177 10.52 -8.09 -49.40
C THR B 177 9.73 -6.76 -49.57
N ASN B 178 9.71 -5.97 -48.51
CA ASN B 178 8.91 -4.77 -48.43
C ASN B 178 9.81 -3.65 -47.90
N PRO B 179 10.56 -2.97 -48.79
CA PRO B 179 11.60 -2.02 -48.37
C PRO B 179 11.04 -0.73 -47.80
N LYS B 180 9.77 -0.46 -48.09
CA LYS B 180 9.12 0.77 -47.64
C LYS B 180 8.50 0.62 -46.25
N LEU B 181 8.64 -0.56 -45.66
CA LEU B 181 8.01 -0.87 -44.38
C LEU B 181 8.57 -0.09 -43.19
N LYS B 182 7.65 0.53 -42.48
CA LYS B 182 7.92 1.49 -41.42
C LYS B 182 7.43 0.93 -40.08
N ILE B 183 8.11 1.30 -39.00
CA ILE B 183 7.52 1.11 -37.68
C ILE B 183 6.69 2.36 -37.41
N ARG B 184 5.36 2.21 -37.39
CA ARG B 184 4.47 3.35 -37.10
C ARG B 184 4.54 3.70 -35.62
N GLY B 185 4.73 2.70 -34.79
CA GLY B 185 4.85 3.00 -33.41
C GLY B 185 4.68 1.88 -32.43
N PHE B 186 5.03 2.21 -31.20
CA PHE B 186 5.03 1.25 -30.13
C PHE B 186 3.87 1.67 -29.27
N LEU B 187 3.06 0.71 -28.91
CA LEU B 187 1.82 1.01 -28.25
C LEU B 187 1.71 0.22 -26.98
N PRO B 188 2.07 0.84 -25.85
CA PRO B 188 1.85 0.23 -24.52
C PRO B 188 0.39 -0.08 -24.29
N THR B 189 0.13 -1.32 -23.88
CA THR B 189 -1.23 -1.82 -23.81
C THR B 189 -1.38 -2.44 -22.45
N MET B 190 -2.63 -2.54 -21.98
CA MET B 190 -2.99 -3.15 -20.71
C MET B 190 -2.25 -2.49 -19.55
N HIS B 191 -2.03 -1.20 -19.68
CA HIS B 191 -1.05 -0.51 -18.87
C HIS B 191 -1.54 -0.14 -17.48
N VAL B 192 -0.82 -0.71 -16.49
CA VAL B 192 -0.91 -0.33 -15.10
C VAL B 192 0.40 0.37 -14.71
N PRO B 193 0.41 1.73 -14.58
CA PRO B 193 1.61 2.53 -14.28
C PRO B 193 2.39 2.15 -13.01
N GLN B 194 1.70 1.77 -11.94
CA GLN B 194 2.32 1.58 -10.62
C GLN B 194 3.29 0.42 -10.47
N LEU B 195 3.25 -0.54 -11.39
CA LEU B 195 3.95 -1.80 -11.18
C LEU B 195 5.45 -1.72 -11.47
N ASN B 196 6.27 -2.32 -10.59
CA ASN B 196 7.72 -2.42 -10.80
C ASN B 196 8.16 -3.35 -11.95
N LEU B 197 7.27 -4.23 -12.38
CA LEU B 197 7.55 -4.96 -13.60
C LEU B 197 7.26 -4.02 -14.78
N THR B 198 6.17 -3.28 -14.70
CA THR B 198 5.77 -2.34 -15.77
C THR B 198 6.74 -1.17 -15.95
N LYS B 199 7.25 -0.59 -14.86
CA LYS B 199 8.30 0.45 -14.94
C LYS B 199 9.59 -0.10 -15.51
N GLY B 200 10.01 -1.25 -15.05
CA GLY B 200 11.30 -1.80 -15.45
C GLY B 200 11.33 -2.38 -16.85
N VAL B 201 10.17 -2.82 -17.34
CA VAL B 201 10.05 -3.34 -18.69
C VAL B 201 10.03 -2.15 -19.64
N LEU B 202 9.31 -1.10 -19.26
CA LEU B 202 9.28 0.12 -20.06
C LEU B 202 10.61 0.89 -20.06
N ALA B 203 11.40 0.78 -18.98
CA ALA B 203 12.68 1.47 -18.85
C ALA B 203 13.64 0.88 -19.84
N GLU B 204 13.60 -0.43 -19.94
CA GLU B 204 14.53 -1.18 -20.78
C GLU B 204 14.10 -0.99 -22.24
N LEU B 205 12.80 -0.83 -22.46
CA LEU B 205 12.33 -0.57 -23.80
C LEU B 205 12.66 0.84 -24.27
N PHE B 206 12.62 1.80 -23.34
CA PHE B 206 12.90 3.20 -23.62
C PHE B 206 14.36 3.44 -23.88
N LYS B 207 15.21 2.52 -23.42
CA LYS B 207 16.63 2.54 -23.72
C LYS B 207 16.77 2.39 -25.22
N TYR B 208 16.30 1.29 -25.77
CA TYR B 208 16.45 1.06 -27.20
C TYR B 208 15.41 1.74 -28.11
N PHE B 209 14.16 1.78 -27.68
CA PHE B 209 13.07 2.14 -28.57
C PHE B 209 12.29 3.46 -28.45
N ASP B 210 12.67 4.34 -27.51
CA ASP B 210 11.88 5.54 -27.13
C ASP B 210 11.29 6.48 -28.23
N SER B 211 12.05 6.71 -29.29
CA SER B 211 11.64 7.51 -30.45
C SER B 211 10.39 6.94 -31.12
N GLU B 212 10.31 5.62 -31.13
CA GLU B 212 9.24 4.96 -31.83
C GLU B 212 8.02 4.70 -30.95
N PHE B 213 8.01 5.21 -29.72
CA PHE B 213 6.81 5.08 -28.89
C PHE B 213 5.80 6.12 -29.36
N PHE B 214 4.51 5.73 -29.43
CA PHE B 214 3.44 6.61 -29.83
C PHE B 214 3.32 7.73 -28.83
N ARG B 215 3.43 8.96 -29.32
CA ARG B 215 3.30 10.12 -28.44
C ARG B 215 2.24 11.03 -29.01
N ASP B 216 1.72 11.89 -28.15
CA ASP B 216 0.66 12.86 -28.43
C ASP B 216 1.21 14.21 -28.91
N SER B 217 0.51 14.82 -29.86
CA SER B 217 0.80 16.19 -30.27
C SER B 217 0.49 17.20 -29.15
N ALA B 218 -0.75 17.22 -28.66
CA ALA B 218 -1.22 18.29 -27.75
C ALA B 218 -0.57 18.32 -26.36
N THR B 219 -0.18 17.17 -25.87
CA THR B 219 0.54 17.08 -24.59
C THR B 219 2.05 16.95 -24.81
N GLY B 220 2.45 15.92 -25.54
CA GLY B 220 3.87 15.64 -25.70
C GLY B 220 4.24 14.36 -24.97
N GLU B 221 3.28 13.83 -24.23
CA GLU B 221 3.52 12.63 -23.44
C GLU B 221 3.18 11.37 -24.23
N TYR B 222 3.45 10.21 -23.63
CA TYR B 222 3.32 8.92 -24.29
C TYR B 222 1.86 8.54 -24.40
N ILE B 223 1.47 7.91 -25.51
CA ILE B 223 0.13 7.30 -25.58
C ILE B 223 0.11 5.86 -25.09
N MET B 224 -0.57 5.63 -23.99
CA MET B 224 -0.59 4.30 -23.37
C MET B 224 -2.01 3.84 -23.09
N ILE B 225 -2.35 2.66 -23.59
CA ILE B 225 -3.69 2.16 -23.38
C ILE B 225 -3.79 1.52 -22.00
N PRO B 226 -4.59 2.12 -21.10
CA PRO B 226 -4.64 1.67 -19.71
C PRO B 226 -5.32 0.32 -19.54
N LYS B 227 -5.03 -0.41 -18.46
CA LYS B 227 -5.80 -1.61 -18.16
C LYS B 227 -7.20 -1.14 -17.76
N SER B 228 -8.17 -1.49 -18.59
CA SER B 228 -9.56 -1.11 -18.41
C SER B 228 -10.45 -2.28 -18.79
N VAL B 229 -11.20 -2.83 -17.82
CA VAL B 229 -12.08 -3.99 -18.06
C VAL B 229 -13.25 -3.67 -19.04
N LYS B 230 -13.54 -2.38 -19.26
CA LYS B 230 -14.54 -1.96 -20.23
C LYS B 230 -14.13 -2.30 -21.68
N LEU B 231 -12.83 -2.25 -21.96
CA LEU B 231 -12.29 -2.63 -23.26
C LEU B 231 -12.47 -4.12 -23.53
N ALA B 232 -12.42 -4.89 -22.46
CA ALA B 232 -12.55 -6.32 -22.52
C ALA B 232 -14.04 -6.67 -22.64
N GLU B 233 -14.88 -5.85 -22.03
CA GLU B 233 -16.33 -5.99 -22.11
C GLU B 233 -16.88 -5.70 -23.48
N SER B 234 -16.40 -4.63 -24.10
CA SER B 234 -16.88 -4.18 -25.42
C SER B 234 -17.07 -5.17 -26.62
N PRO B 235 -16.16 -6.13 -26.86
CA PRO B 235 -16.45 -7.11 -27.92
C PRO B 235 -17.57 -8.10 -27.60
N SER B 236 -17.99 -8.20 -26.33
CA SER B 236 -19.08 -9.09 -25.96
C SER B 236 -20.39 -8.50 -26.44
N PHE B 237 -20.42 -7.19 -26.63
CA PHE B 237 -21.57 -6.48 -27.20
C PHE B 237 -21.48 -6.23 -28.68
N GLY B 238 -20.46 -6.80 -29.33
CA GLY B 238 -20.30 -6.67 -30.77
C GLY B 238 -19.79 -5.29 -31.17
N LYS B 239 -19.18 -4.59 -30.22
CA LYS B 239 -18.85 -3.19 -30.39
C LYS B 239 -17.37 -2.84 -30.16
N PRO B 240 -16.89 -1.79 -30.87
CA PRO B 240 -15.66 -1.10 -30.46
C PRO B 240 -15.99 -0.27 -29.23
N ILE B 241 -14.99 0.06 -28.40
CA ILE B 241 -15.21 0.74 -27.12
C ILE B 241 -15.87 2.12 -27.29
N LEU B 242 -15.56 2.76 -28.41
CA LEU B 242 -16.14 4.03 -28.89
C LEU B 242 -17.68 4.03 -28.93
N LEU B 243 -18.24 2.88 -29.28
CA LEU B 243 -19.68 2.67 -29.30
C LEU B 243 -20.17 2.01 -27.99
N TYR B 244 -19.26 1.71 -27.06
CA TYR B 244 -19.69 1.16 -25.78
C TYR B 244 -19.66 2.23 -24.68
N ASP B 245 -18.45 2.56 -24.20
CA ASP B 245 -18.28 3.68 -23.33
C ASP B 245 -17.32 4.64 -24.00
N ILE B 246 -17.83 5.73 -24.53
CA ILE B 246 -17.02 6.72 -25.25
C ILE B 246 -16.18 7.56 -24.27
N LYS B 247 -16.64 7.67 -23.02
CA LYS B 247 -16.00 8.48 -21.99
C LYS B 247 -14.84 7.77 -21.27
N SER B 248 -14.83 6.42 -21.33
CA SER B 248 -13.83 5.62 -20.61
C SER B 248 -12.42 5.84 -21.10
N ASN B 249 -11.49 5.70 -20.16
CA ASN B 249 -10.04 5.94 -20.34
C ASN B 249 -9.43 5.21 -21.54
N GLY B 250 -9.87 3.98 -21.76
CA GLY B 250 -9.36 3.19 -22.85
C GLY B 250 -9.92 3.67 -24.15
N SER B 251 -11.15 4.20 -24.15
CA SER B 251 -11.69 4.76 -25.37
C SER B 251 -11.00 6.07 -25.72
N ILE B 252 -10.71 6.86 -24.69
CA ILE B 252 -10.00 8.13 -24.80
C ILE B 252 -8.66 7.90 -25.43
N ALA B 253 -7.89 6.93 -24.88
CA ALA B 253 -6.57 6.57 -25.39
C ALA B 253 -6.54 5.99 -26.82
N TYR B 254 -7.62 5.35 -27.25
CA TYR B 254 -7.67 4.90 -28.63
C TYR B 254 -7.98 6.04 -29.58
N GLN B 255 -8.73 7.03 -29.09
CA GLN B 255 -9.01 8.18 -29.91
C GLN B 255 -7.80 9.12 -29.96
N LYS B 256 -6.87 8.98 -29.00
CA LYS B 256 -5.65 9.76 -29.02
C LYS B 256 -4.74 9.18 -30.09
N LEU B 257 -4.66 7.86 -30.12
CA LEU B 257 -3.90 7.11 -31.12
C LEU B 257 -4.40 7.34 -32.55
N ALA B 258 -5.73 7.49 -32.69
CA ALA B 258 -6.34 7.91 -33.97
C ALA B 258 -5.78 9.23 -34.46
N GLN B 259 -5.78 10.22 -33.57
CA GLN B 259 -5.31 11.56 -33.86
C GLN B 259 -3.81 11.64 -34.26
N SER B 260 -2.95 10.81 -33.69
CA SER B 260 -1.53 10.74 -34.08
C SER B 260 -1.36 10.24 -35.49
N ILE B 261 -2.17 9.25 -35.84
CA ILE B 261 -2.00 8.53 -37.09
C ILE B 261 -2.54 9.35 -38.25
N LEU B 262 -3.58 10.14 -37.98
CA LEU B 262 -4.15 11.06 -38.97
C LEU B 262 -3.17 12.20 -39.30
N GLN B 263 -2.45 12.64 -38.28
CA GLN B 263 -1.51 13.75 -38.36
C GLN B 263 -0.29 13.49 -39.24
N GLY B 264 0.01 12.22 -39.50
CA GLY B 264 1.15 11.83 -40.31
C GLY B 264 1.94 10.66 -39.74
N MET C 1 -30.19 3.10 41.95
CA MET C 1 -29.23 3.11 40.85
C MET C 1 -27.90 3.66 41.32
N MET C 2 -26.81 3.03 40.88
CA MET C 2 -25.46 3.45 41.25
C MET C 2 -24.59 3.55 40.01
N SER C 3 -24.10 4.74 39.69
CA SER C 3 -23.22 4.88 38.55
C SER C 3 -21.85 4.42 38.95
N GLU C 4 -21.10 3.90 37.99
CA GLU C 4 -19.75 3.55 38.31
C GLU C 4 -18.74 4.52 37.69
N ILE C 5 -18.08 5.27 38.56
CA ILE C 5 -17.28 6.39 38.14
C ILE C 5 -15.84 5.97 37.85
N ILE C 6 -15.42 6.14 36.59
CA ILE C 6 -14.09 5.71 36.17
C ILE C 6 -13.19 6.86 35.74
N ALA C 7 -12.02 6.94 36.35
CA ALA C 7 -11.01 7.91 35.94
C ALA C 7 -10.11 7.30 34.86
N VAL C 8 -9.86 8.08 33.82
CA VAL C 8 -8.85 7.70 32.87
C VAL C 8 -7.71 8.62 33.21
N ALA C 9 -6.61 8.06 33.70
CA ALA C 9 -5.55 8.90 34.28
C ALA C 9 -4.15 8.46 33.96
N ASN C 10 -3.34 9.41 33.50
CA ASN C 10 -1.89 9.30 33.52
C ASN C 10 -1.35 10.70 33.51
N GLN C 11 -0.27 10.98 34.24
CA GLN C 11 0.31 12.33 34.24
C GLN C 11 1.30 12.54 33.09
N LYS C 12 1.71 11.43 32.47
CA LYS C 12 2.53 11.50 31.28
C LYS C 12 1.69 12.04 30.15
N GLY C 13 2.23 13.00 29.43
CA GLY C 13 1.56 13.50 28.27
C GLY C 13 1.50 12.60 27.04
N GLY C 14 0.33 12.61 26.39
CA GLY C 14 0.17 12.12 25.03
C GLY C 14 0.11 10.61 24.91
N VAL C 15 -0.38 9.98 25.97
CA VAL C 15 -0.48 8.52 26.10
C VAL C 15 -1.83 7.88 25.81
N GLY C 16 -2.80 8.65 25.35
CA GLY C 16 -4.07 8.06 24.98
C GLY C 16 -5.24 8.22 25.91
N LYS C 17 -5.15 9.07 26.92
CA LYS C 17 -6.23 9.31 27.89
C LYS C 17 -7.55 9.76 27.30
N THR C 18 -7.51 10.79 26.46
CA THR C 18 -8.70 11.32 25.81
C THR C 18 -9.29 10.34 24.79
N THR C 19 -8.44 9.79 23.92
CA THR C 19 -8.81 8.70 23.02
C THR C 19 -9.47 7.50 23.72
N THR C 20 -8.88 7.04 24.82
CA THR C 20 -9.51 6.07 25.71
C THR C 20 -10.82 6.56 26.33
N ALA C 21 -10.82 7.74 26.94
CA ALA C 21 -12.01 8.21 27.63
C ALA C 21 -13.18 8.48 26.71
N VAL C 22 -12.90 9.05 25.53
CA VAL C 22 -13.91 9.18 24.49
C VAL C 22 -14.35 7.82 23.90
N ASN C 23 -13.43 7.01 23.41
CA ASN C 23 -13.83 5.72 22.83
C ASN C 23 -14.28 4.61 23.79
N LEU C 24 -13.97 4.70 25.09
CA LEU C 24 -14.59 3.76 26.01
C LEU C 24 -16.03 4.18 26.27
N ALA C 25 -16.24 5.49 26.43
CA ALA C 25 -17.57 6.05 26.71
C ALA C 25 -18.53 5.78 25.56
N ALA C 26 -18.01 5.84 24.35
CA ALA C 26 -18.78 5.46 23.17
C ALA C 26 -18.99 3.95 23.08
N SER C 27 -17.95 3.15 23.33
CA SER C 27 -18.09 1.68 23.25
C SER C 27 -19.05 1.07 24.28
N LEU C 28 -19.21 1.75 25.42
CA LEU C 28 -20.20 1.42 26.41
C LEU C 28 -21.59 1.99 26.04
N ALA C 29 -21.63 3.04 25.23
CA ALA C 29 -22.91 3.65 24.86
C ALA C 29 -23.72 2.79 23.88
N VAL C 30 -23.03 2.01 23.04
CA VAL C 30 -23.72 1.15 22.08
C VAL C 30 -24.18 -0.19 22.66
N HIS C 31 -23.92 -0.40 23.94
CA HIS C 31 -24.41 -1.57 24.67
C HIS C 31 -25.69 -1.24 25.42
N GLU C 32 -26.22 -0.05 25.11
CA GLU C 32 -27.44 0.51 25.71
C GLU C 32 -27.30 0.71 27.21
N LYS C 33 -26.19 1.34 27.60
CA LYS C 33 -26.00 1.83 28.96
C LYS C 33 -25.96 3.38 28.91
N LYS C 34 -26.42 4.09 29.94
CA LYS C 34 -26.35 5.56 29.92
C LYS C 34 -25.01 6.11 30.43
N ILE C 35 -24.32 6.87 29.57
CA ILE C 35 -22.90 7.18 29.74
C ILE C 35 -22.63 8.68 29.81
N LEU C 36 -21.98 9.13 30.87
CA LEU C 36 -21.66 10.55 30.99
C LEU C 36 -20.15 10.71 30.87
N LEU C 37 -19.72 11.44 29.85
CA LEU C 37 -18.29 11.66 29.64
C LEU C 37 -17.98 13.01 30.23
N ILE C 38 -17.14 13.03 31.26
CA ILE C 38 -16.74 14.30 31.81
C ILE C 38 -15.33 14.57 31.40
N ASP C 39 -15.17 15.61 30.60
CA ASP C 39 -13.86 15.98 30.12
C ASP C 39 -13.35 16.98 31.14
N PHE C 40 -12.36 16.52 31.89
CA PHE C 40 -11.81 17.21 33.05
C PHE C 40 -10.44 17.88 32.83
N ALA C 41 -10.04 18.06 31.57
CA ALA C 41 -8.74 18.69 31.28
C ALA C 41 -8.96 20.10 30.75
N PRO C 42 -8.03 21.03 31.04
CA PRO C 42 -8.17 22.41 30.51
C PRO C 42 -8.06 22.49 28.98
N GLN C 43 -7.24 21.63 28.39
CA GLN C 43 -7.06 21.58 26.94
C GLN C 43 -8.35 21.19 26.21
N ALA C 44 -9.15 20.37 26.89
CA ALA C 44 -10.50 19.97 26.47
C ALA C 44 -10.58 19.26 25.12
N ASN C 45 -9.72 18.27 24.95
CA ASN C 45 -9.66 17.52 23.70
C ASN C 45 -10.86 16.58 23.53
N ALA C 46 -11.45 16.14 24.64
CA ALA C 46 -12.54 15.17 24.58
C ALA C 46 -13.84 15.78 24.06
N THR C 47 -14.13 16.97 24.54
CA THR C 47 -15.11 17.86 23.97
C THR C 47 -14.91 18.05 22.46
N SER C 48 -13.76 18.56 22.07
CA SER C 48 -13.39 18.72 20.67
C SER C 48 -13.42 17.43 19.82
N SER C 49 -13.11 16.28 20.45
CA SER C 49 -13.29 14.95 19.86
C SER C 49 -14.73 14.62 19.52
N LEU C 50 -15.68 15.22 20.21
CA LEU C 50 -17.09 14.95 19.94
C LEU C 50 -17.72 15.99 19.03
N GLY C 51 -16.89 16.87 18.48
CA GLY C 51 -17.36 17.89 17.55
C GLY C 51 -18.11 19.05 18.19
N PHE C 52 -17.67 19.47 19.37
CA PHE C 52 -18.12 20.72 19.93
C PHE C 52 -16.96 21.72 19.94
N ARG C 53 -17.05 22.72 19.07
CA ARG C 53 -16.08 23.79 19.05
C ARG C 53 -16.39 24.64 20.27
N ARG C 54 -15.35 25.28 20.82
CA ARG C 54 -15.44 25.82 22.17
C ARG C 54 -16.02 27.23 22.25
N ASP C 55 -16.53 27.73 21.13
CA ASP C 55 -17.42 28.89 21.17
C ASP C 55 -18.87 28.51 21.54
N LYS C 56 -19.27 27.26 21.28
CA LYS C 56 -20.65 26.78 21.50
C LYS C 56 -21.02 26.72 22.97
N ILE C 57 -20.05 26.42 23.82
CA ILE C 57 -20.39 26.09 25.20
C ILE C 57 -20.48 27.37 26.05
N ASP C 58 -21.71 27.66 26.46
CA ASP C 58 -22.01 28.75 27.39
C ASP C 58 -21.33 28.54 28.74
N TYR C 59 -21.78 27.51 29.46
CA TYR C 59 -21.28 27.22 30.80
C TYR C 59 -20.68 25.79 30.83
N ASP C 60 -19.49 25.67 31.41
CA ASP C 60 -18.70 24.43 31.34
C ASP C 60 -18.56 23.77 32.72
N ILE C 61 -17.70 22.75 32.79
CA ILE C 61 -17.40 21.98 34.02
C ILE C 61 -16.90 22.87 35.19
N TYR C 62 -16.17 23.93 34.84
CA TYR C 62 -15.61 24.87 35.79
C TYR C 62 -16.67 25.62 36.60
N HIS C 63 -17.81 25.91 35.97
CA HIS C 63 -18.89 26.65 36.61
C HIS C 63 -19.72 25.78 37.59
N VAL C 64 -19.55 24.47 37.50
CA VAL C 64 -20.23 23.57 38.42
C VAL C 64 -19.55 23.53 39.78
N LEU C 65 -18.23 23.40 39.76
CA LEU C 65 -17.40 23.30 40.95
C LEU C 65 -17.40 24.58 41.77
N ILE C 66 -17.62 25.71 41.09
CA ILE C 66 -17.87 26.99 41.74
C ILE C 66 -19.16 26.93 42.56
N GLY C 67 -20.23 26.47 41.92
CA GLY C 67 -21.57 26.66 42.45
C GLY C 67 -22.27 27.75 41.66
N ARG C 68 -21.67 28.09 40.52
CA ARG C 68 -22.26 29.04 39.58
C ARG C 68 -23.47 28.38 38.92
N LYS C 69 -23.22 27.33 38.14
CA LYS C 69 -24.32 26.53 37.60
C LYS C 69 -24.37 25.14 38.21
N GLN C 70 -25.57 24.57 38.25
CA GLN C 70 -25.77 23.21 38.72
C GLN C 70 -25.41 22.26 37.60
N ILE C 71 -24.91 21.08 37.98
CA ILE C 71 -24.34 20.06 37.10
C ILE C 71 -25.24 19.60 35.94
N SER C 72 -26.53 19.42 36.23
CA SER C 72 -27.54 19.03 35.25
C SER C 72 -27.76 20.09 34.15
N GLN C 73 -27.40 21.33 34.43
CA GLN C 73 -27.59 22.41 33.46
C GLN C 73 -26.46 22.56 32.43
N VAL C 74 -25.28 21.96 32.71
CA VAL C 74 -24.19 22.01 31.73
C VAL C 74 -24.04 20.75 30.85
N ILE C 75 -24.87 19.74 31.07
CA ILE C 75 -24.70 18.47 30.36
C ILE C 75 -25.26 18.44 28.93
N LEU C 76 -24.36 18.19 27.96
CA LEU C 76 -24.69 18.18 26.54
C LEU C 76 -25.06 16.81 25.99
N LYS C 77 -26.01 16.77 25.07
CA LYS C 77 -26.32 15.54 24.37
C LYS C 77 -25.41 15.45 23.13
N THR C 78 -24.83 14.28 22.89
CA THR C 78 -23.90 14.07 21.78
C THR C 78 -24.58 13.46 20.59
N GLN C 79 -23.78 13.04 19.61
CA GLN C 79 -24.31 12.36 18.42
C GLN C 79 -24.86 10.93 18.66
N MET C 80 -24.71 10.41 19.88
CA MET C 80 -25.23 9.10 20.22
C MET C 80 -26.25 9.34 21.29
N PRO C 81 -27.34 8.55 21.26
CA PRO C 81 -28.42 8.80 22.23
C PRO C 81 -28.03 8.39 23.65
N PHE C 82 -27.14 7.40 23.77
CA PHE C 82 -26.79 6.91 25.09
C PHE C 82 -25.51 7.49 25.71
N LEU C 83 -24.86 8.43 25.01
CA LEU C 83 -23.74 9.19 25.56
C LEU C 83 -24.09 10.68 25.84
N ASP C 84 -23.78 11.17 27.03
CA ASP C 84 -23.91 12.59 27.39
C ASP C 84 -22.53 13.18 27.74
N LEU C 85 -22.33 14.48 27.55
CA LEU C 85 -21.03 15.13 27.82
C LEU C 85 -21.08 16.36 28.71
N VAL C 86 -20.25 16.39 29.74
CA VAL C 86 -19.90 17.62 30.45
C VAL C 86 -18.61 18.21 29.86
N PRO C 87 -18.73 19.33 29.15
CA PRO C 87 -17.59 19.81 28.37
C PRO C 87 -16.55 20.54 29.19
N SER C 88 -15.42 20.91 28.58
CA SER C 88 -14.52 21.90 29.20
C SER C 88 -14.12 22.96 28.22
N ASN C 89 -13.19 23.79 28.67
CA ASN C 89 -12.85 25.05 28.05
C ASN C 89 -11.65 25.55 28.82
N LEU C 90 -10.97 26.58 28.28
CA LEU C 90 -9.75 27.15 28.86
C LEU C 90 -9.95 27.74 30.27
N GLY C 91 -11.20 28.08 30.61
CA GLY C 91 -11.55 28.54 31.94
C GLY C 91 -11.41 27.54 33.07
N LEU C 92 -11.22 26.26 32.74
CA LEU C 92 -11.02 25.20 33.73
C LEU C 92 -9.64 25.31 34.41
N ALA C 93 -8.70 26.04 33.80
CA ALA C 93 -7.38 26.26 34.40
C ALA C 93 -7.43 27.17 35.62
N GLY C 94 -8.52 27.90 35.76
CA GLY C 94 -8.80 28.68 36.96
C GLY C 94 -9.36 27.89 38.13
N PHE C 95 -9.50 26.57 37.99
CA PHE C 95 -9.88 25.73 39.12
C PHE C 95 -8.72 25.65 40.07
N GLU C 96 -7.54 25.52 39.46
CA GLU C 96 -6.25 25.35 40.12
C GLU C 96 -6.02 26.41 41.22
N LYS C 97 -6.39 27.65 40.92
CA LYS C 97 -6.47 28.74 41.93
C LYS C 97 -7.51 28.50 43.05
N THR C 98 -8.75 28.18 42.64
CA THR C 98 -9.91 27.95 43.52
C THR C 98 -9.66 26.83 44.55
N PHE C 99 -8.93 25.80 44.13
CA PHE C 99 -8.49 24.72 44.99
C PHE C 99 -7.54 25.20 46.10
N TYR C 100 -6.69 26.18 45.78
CA TYR C 100 -5.72 26.70 46.76
C TYR C 100 -6.25 27.86 47.60
N ASP C 101 -7.46 28.34 47.28
CA ASP C 101 -8.19 29.21 48.19
C ASP C 101 -9.25 28.43 48.98
N SER C 102 -9.44 27.16 48.63
CA SER C 102 -10.33 26.28 49.37
C SER C 102 -9.59 25.58 50.50
N GLN C 103 -8.27 25.54 50.40
CA GLN C 103 -7.44 24.90 51.42
C GLN C 103 -6.80 25.90 52.39
N ASP C 104 -7.11 27.18 52.22
CA ASP C 104 -6.71 28.22 53.15
C ASP C 104 -7.48 28.11 54.47
N GLU C 105 -8.66 27.48 54.42
CA GLU C 105 -9.43 27.18 55.60
C GLU C 105 -9.86 25.70 55.61
N ASN C 106 -10.70 25.35 54.65
CA ASN C 106 -11.43 24.07 54.67
C ASN C 106 -10.63 22.79 54.44
N LYS C 107 -9.63 22.86 53.54
CA LYS C 107 -8.75 21.74 53.12
C LYS C 107 -9.40 20.59 52.30
N ARG C 108 -10.71 20.67 52.10
CA ARG C 108 -11.50 19.57 51.54
C ARG C 108 -11.70 19.63 50.02
N GLY C 109 -10.99 20.53 49.34
CA GLY C 109 -11.17 20.75 47.91
C GLY C 109 -10.76 19.64 46.94
N GLU C 110 -10.25 18.52 47.47
CA GLU C 110 -9.98 17.32 46.71
C GLU C 110 -11.28 16.57 46.38
N LEU C 111 -12.34 16.87 47.11
CA LEU C 111 -13.67 16.27 46.92
C LEU C 111 -14.65 17.10 46.09
N MET C 112 -14.20 18.19 45.48
CA MET C 112 -15.10 19.09 44.77
C MET C 112 -15.78 18.51 43.51
N LEU C 113 -15.15 17.55 42.85
CA LEU C 113 -15.77 16.88 41.71
C LEU C 113 -16.75 15.77 42.14
N LYS C 114 -16.38 15.03 43.19
CA LYS C 114 -17.22 13.97 43.78
C LYS C 114 -18.57 14.55 44.23
N ASN C 115 -18.51 15.69 44.91
CA ASN C 115 -19.72 16.37 45.40
C ASN C 115 -20.58 16.98 44.30
N ALA C 116 -19.94 17.39 43.21
CA ALA C 116 -20.66 17.89 42.04
C ALA C 116 -21.40 16.76 41.33
N LEU C 117 -20.88 15.55 41.50
CA LEU C 117 -21.36 14.37 40.77
C LEU C 117 -22.61 13.71 41.32
N GLU C 118 -22.86 13.89 42.61
CA GLU C 118 -23.89 13.12 43.33
C GLU C 118 -25.31 13.42 42.89
N SER C 119 -25.49 14.59 42.27
CA SER C 119 -26.77 14.95 41.67
C SER C 119 -27.11 14.13 40.41
N VAL C 120 -26.11 13.84 39.58
CA VAL C 120 -26.31 13.00 38.40
C VAL C 120 -25.89 11.53 38.58
N VAL C 121 -25.49 11.15 39.79
CA VAL C 121 -24.85 9.85 40.00
C VAL C 121 -25.84 8.68 40.02
N GLY C 122 -27.11 8.99 40.22
CA GLY C 122 -28.14 7.98 40.07
C GLY C 122 -28.66 7.84 38.64
N LEU C 123 -28.37 8.83 37.79
CA LEU C 123 -28.92 8.89 36.43
C LEU C 123 -28.05 8.20 35.38
N TYR C 124 -26.90 7.69 35.80
CA TYR C 124 -25.93 7.09 34.87
C TYR C 124 -25.52 5.66 35.20
N ASP C 125 -25.21 4.88 34.18
CA ASP C 125 -24.65 3.57 34.36
C ASP C 125 -23.15 3.66 34.53
N TYR C 126 -22.56 4.56 33.77
CA TYR C 126 -21.13 4.76 33.77
C TYR C 126 -20.85 6.24 33.61
N ILE C 127 -19.95 6.76 34.43
CA ILE C 127 -19.44 8.11 34.27
C ILE C 127 -17.91 8.07 34.06
N ILE C 128 -17.49 8.35 32.85
CA ILE C 128 -16.09 8.30 32.50
C ILE C 128 -15.50 9.69 32.67
N ILE C 129 -14.46 9.80 33.48
CA ILE C 129 -13.74 11.06 33.61
C ILE C 129 -12.39 11.05 32.90
N ASP C 130 -12.13 12.09 32.12
CA ASP C 130 -10.88 12.26 31.39
C ASP C 130 -10.02 13.32 32.06
N SER C 131 -8.80 12.98 32.49
CA SER C 131 -8.02 13.86 33.38
C SER C 131 -6.74 14.40 32.71
N PRO C 132 -6.26 15.62 33.09
CA PRO C 132 -5.14 16.23 32.35
C PRO C 132 -3.73 15.62 32.68
N PRO C 133 -2.75 15.84 31.81
CA PRO C 133 -1.39 15.36 32.08
C PRO C 133 -0.59 16.03 33.22
N ALA C 134 -0.97 15.74 34.47
CA ALA C 134 -0.34 16.27 35.70
C ALA C 134 -1.00 15.56 36.88
N LEU C 135 -0.31 15.55 38.01
CA LEU C 135 -0.84 15.02 39.26
C LEU C 135 -1.42 16.09 40.17
N GLY C 136 -1.67 17.28 39.62
CA GLY C 136 -2.23 18.40 40.39
C GLY C 136 -3.71 18.28 40.74
N PRO C 137 -4.37 19.42 41.02
CA PRO C 137 -5.74 19.44 41.58
C PRO C 137 -6.84 18.84 40.68
N LEU C 138 -6.66 18.89 39.37
CA LEU C 138 -7.67 18.32 38.50
C LEU C 138 -7.70 16.79 38.57
N THR C 139 -6.54 16.17 38.42
CA THR C 139 -6.39 14.72 38.50
C THR C 139 -6.76 14.22 39.88
N ILE C 140 -6.29 14.91 40.92
CA ILE C 140 -6.57 14.55 42.32
C ILE C 140 -8.08 14.54 42.66
N ASN C 141 -8.79 15.53 42.11
CA ASN C 141 -10.25 15.61 42.21
C ASN C 141 -10.94 14.41 41.60
N SER C 142 -10.61 14.17 40.33
CA SER C 142 -11.21 13.09 39.57
C SER C 142 -10.75 11.73 40.06
N LEU C 143 -9.55 11.65 40.63
CA LEU C 143 -9.15 10.41 41.33
C LEU C 143 -9.97 10.20 42.63
N SER C 144 -10.22 11.26 43.40
CA SER C 144 -11.01 11.16 44.62
C SER C 144 -12.52 11.09 44.32
N ALA C 145 -12.90 11.44 43.10
CA ALA C 145 -14.28 11.30 42.66
C ALA C 145 -14.58 9.87 42.22
N ALA C 146 -13.62 9.23 41.57
CA ALA C 146 -13.89 7.97 40.86
C ALA C 146 -13.94 6.75 41.75
N HIS C 147 -14.68 5.76 41.28
CA HIS C 147 -14.73 4.44 41.88
C HIS C 147 -13.54 3.60 41.45
N SER C 148 -13.13 3.80 40.21
CA SER C 148 -12.00 3.05 39.71
C SER C 148 -11.19 3.84 38.68
N VAL C 149 -10.07 3.25 38.27
CA VAL C 149 -9.12 3.96 37.42
C VAL C 149 -8.51 3.09 36.32
N ILE C 150 -8.62 3.56 35.09
CA ILE C 150 -7.99 2.95 33.95
C ILE C 150 -6.75 3.76 33.62
N ILE C 151 -5.62 3.06 33.50
CA ILE C 151 -4.34 3.70 33.21
C ILE C 151 -3.85 3.34 31.82
N PRO C 152 -3.86 4.33 30.91
CA PRO C 152 -3.20 4.17 29.62
C PRO C 152 -1.67 4.23 29.65
N ILE C 153 -1.05 3.21 29.10
CA ILE C 153 0.38 3.08 29.11
C ILE C 153 0.85 2.99 27.67
N GLN C 154 1.53 4.05 27.24
CA GLN C 154 2.20 4.13 25.97
C GLN C 154 3.47 3.39 26.33
N CYS C 155 3.89 2.40 25.54
CA CYS C 155 4.95 1.58 26.07
C CYS C 155 6.23 2.06 25.51
N GLU C 156 6.87 2.96 26.26
CA GLU C 156 8.11 3.59 25.87
C GLU C 156 8.73 3.91 27.25
N PHE C 157 9.96 4.40 27.33
CA PHE C 157 10.73 4.33 28.58
C PHE C 157 10.18 5.04 29.85
N PHE C 158 9.46 6.13 29.65
CA PHE C 158 9.05 7.01 30.74
C PHE C 158 7.76 6.49 31.39
N ALA C 159 7.13 5.53 30.74
CA ALA C 159 6.06 4.78 31.36
C ALA C 159 6.54 3.99 32.62
N LEU C 160 7.81 3.61 32.70
CA LEU C 160 8.32 2.92 33.88
C LEU C 160 8.25 3.69 35.20
N GLU C 161 8.81 4.90 35.26
CA GLU C 161 8.81 5.64 36.51
C GLU C 161 7.44 6.28 36.77
N GLY C 162 6.78 6.68 35.69
CA GLY C 162 5.55 7.46 35.78
C GLY C 162 4.38 6.63 36.25
N THR C 163 4.40 5.33 35.93
CA THR C 163 3.37 4.41 36.42
C THR C 163 3.50 4.27 37.93
N LYS C 164 4.71 3.94 38.39
CA LYS C 164 5.09 3.86 39.80
C LYS C 164 4.77 5.14 40.59
N LEU C 165 5.02 6.32 40.02
CA LEU C 165 4.60 7.58 40.64
C LEU C 165 3.06 7.71 40.66
N LEU C 166 2.38 7.25 39.60
CA LEU C 166 0.92 7.30 39.54
C LEU C 166 0.26 6.32 40.51
N LEU C 167 0.82 5.11 40.62
CA LEU C 167 0.27 4.13 41.58
C LEU C 167 0.51 4.58 43.02
N ASN C 168 1.61 5.29 43.25
CA ASN C 168 1.89 5.82 44.57
C ASN C 168 0.97 6.98 44.97
N THR C 169 0.64 7.83 44.00
CA THR C 169 -0.37 8.88 44.17
C THR C 169 -1.76 8.28 44.50
N ILE C 170 -2.14 7.26 43.72
CA ILE C 170 -3.39 6.50 43.88
C ILE C 170 -3.55 5.86 45.28
N ARG C 171 -2.46 5.30 45.80
CA ARG C 171 -2.47 4.53 47.02
C ARG C 171 -2.37 5.44 48.26
N MET C 172 -1.88 6.65 48.04
CA MET C 172 -1.90 7.72 49.04
C MET C 172 -3.36 8.14 49.30
N LEU C 173 -4.17 8.09 48.23
CA LEU C 173 -5.58 8.44 48.28
C LEU C 173 -6.50 7.32 48.78
N GLN C 174 -6.02 6.06 48.73
CA GLN C 174 -6.73 4.92 49.33
C GLN C 174 -6.70 5.00 50.84
N LYS C 175 -5.71 5.71 51.35
CA LYS C 175 -5.54 5.91 52.77
C LYS C 175 -6.47 7.07 53.17
N SER C 176 -6.25 8.25 52.60
CA SER C 176 -7.00 9.43 53.01
C SER C 176 -8.36 9.67 52.32
N THR C 177 -8.32 10.16 51.08
CA THR C 177 -9.51 10.75 50.45
C THR C 177 -10.53 9.74 49.89
N ASN C 178 -10.04 8.68 49.26
CA ASN C 178 -10.92 7.73 48.59
C ASN C 178 -10.47 6.30 48.89
N PRO C 179 -10.92 5.73 50.03
CA PRO C 179 -10.56 4.34 50.36
C PRO C 179 -11.13 3.29 49.40
N LYS C 180 -12.25 3.61 48.75
CA LYS C 180 -12.93 2.69 47.84
C LYS C 180 -12.25 2.62 46.46
N LEU C 181 -11.27 3.50 46.23
CA LEU C 181 -10.57 3.59 44.95
C LEU C 181 -9.68 2.37 44.67
N LYS C 182 -9.94 1.73 43.53
CA LYS C 182 -9.27 0.51 43.15
C LYS C 182 -8.89 0.60 41.66
N ILE C 183 -7.85 -0.12 41.26
CA ILE C 183 -7.36 -0.02 39.91
C ILE C 183 -8.15 -0.94 39.03
N ARG C 184 -8.88 -0.34 38.09
CA ARG C 184 -9.75 -1.09 37.19
C ARG C 184 -8.91 -1.82 36.17
N GLY C 185 -7.80 -1.18 35.80
CA GLY C 185 -6.85 -1.85 34.95
C GLY C 185 -5.90 -0.95 34.23
N PHE C 186 -4.97 -1.57 33.52
CA PHE C 186 -3.91 -0.91 32.79
C PHE C 186 -4.26 -1.22 31.38
N LEU C 187 -4.22 -0.21 30.52
CA LEU C 187 -4.50 -0.39 29.11
C LEU C 187 -3.28 0.00 28.32
N PRO C 188 -2.60 -0.95 27.68
CA PRO C 188 -1.57 -0.50 26.75
C PRO C 188 -2.20 0.14 25.53
N THR C 189 -1.69 1.30 25.13
CA THR C 189 -2.27 2.12 24.07
C THR C 189 -1.13 2.53 23.16
N MET C 190 -1.46 3.00 21.95
CA MET C 190 -0.53 3.25 20.84
C MET C 190 0.34 2.01 20.55
N HIS C 191 -0.23 0.82 20.69
CA HIS C 191 0.58 -0.40 20.80
C HIS C 191 1.20 -0.88 19.47
N VAL C 192 2.53 -0.98 19.45
CA VAL C 192 3.22 -1.58 18.30
C VAL C 192 4.03 -2.78 18.80
N PRO C 193 3.45 -4.01 18.77
CA PRO C 193 4.05 -5.17 19.47
C PRO C 193 5.45 -5.64 19.02
N GLN C 194 5.90 -5.24 17.84
CA GLN C 194 7.16 -5.73 17.26
C GLN C 194 8.40 -5.04 17.80
N LEU C 195 8.24 -3.79 18.25
CA LEU C 195 9.35 -2.98 18.78
C LEU C 195 9.98 -3.61 20.02
N ASN C 196 11.30 -3.63 20.06
CA ASN C 196 12.04 -4.15 21.22
C ASN C 196 11.83 -3.32 22.47
N LEU C 197 11.72 -2.02 22.30
CA LEU C 197 11.42 -1.12 23.42
C LEU C 197 10.00 -1.37 23.98
N THR C 198 9.05 -1.71 23.12
CA THR C 198 7.67 -1.98 23.54
C THR C 198 7.61 -3.26 24.32
N LYS C 199 8.33 -4.26 23.81
CA LYS C 199 8.54 -5.54 24.48
C LYS C 199 9.19 -5.31 25.83
N GLY C 200 10.24 -4.49 25.81
CA GLY C 200 11.03 -4.16 26.97
C GLY C 200 10.30 -3.42 28.07
N VAL C 201 9.42 -2.50 27.68
CA VAL C 201 8.65 -1.77 28.67
C VAL C 201 7.56 -2.66 29.27
N LEU C 202 6.94 -3.46 28.43
CA LEU C 202 5.91 -4.39 28.87
C LEU C 202 6.43 -5.46 29.82
N ALA C 203 7.64 -5.93 29.57
CA ALA C 203 8.25 -7.01 30.35
C ALA C 203 8.55 -6.60 31.78
N GLU C 204 9.03 -5.36 31.95
CA GLU C 204 9.32 -4.80 33.26
C GLU C 204 8.03 -4.52 34.00
N LEU C 205 7.01 -4.11 33.26
CA LEU C 205 5.72 -3.79 33.88
C LEU C 205 4.94 -5.02 34.27
N PHE C 206 5.04 -6.06 33.46
CA PHE C 206 4.37 -7.33 33.70
C PHE C 206 4.96 -8.00 34.94
N LYS C 207 6.27 -7.82 35.11
CA LYS C 207 7.03 -8.30 36.24
C LYS C 207 6.44 -7.84 37.57
N TYR C 208 6.14 -6.55 37.66
CA TYR C 208 5.41 -6.03 38.81
C TYR C 208 3.88 -6.08 38.77
N PHE C 209 3.30 -5.70 37.63
CA PHE C 209 1.86 -5.43 37.51
C PHE C 209 0.90 -6.37 36.72
N ASP C 210 1.34 -7.55 36.26
CA ASP C 210 0.64 -8.41 35.23
C ASP C 210 -0.86 -8.70 35.42
N SER C 211 -1.25 -8.83 36.68
CA SER C 211 -2.65 -9.12 37.02
C SER C 211 -3.52 -7.87 36.94
N GLU C 212 -2.88 -6.72 36.76
CA GLU C 212 -3.58 -5.46 36.61
C GLU C 212 -3.83 -5.05 35.15
N PHE C 213 -3.25 -5.76 34.18
CA PHE C 213 -3.50 -5.44 32.80
C PHE C 213 -4.83 -6.00 32.39
N PHE C 214 -5.49 -5.31 31.48
CA PHE C 214 -6.81 -5.70 30.99
C PHE C 214 -6.73 -7.01 30.21
N ARG C 215 -7.61 -7.95 30.58
CA ARG C 215 -7.67 -9.21 29.83
C ARG C 215 -9.00 -9.37 29.15
N ASP C 216 -8.98 -10.08 28.04
CA ASP C 216 -10.23 -10.52 27.40
C ASP C 216 -10.93 -11.55 28.30
N SER C 217 -12.23 -11.38 28.52
CA SER C 217 -12.95 -12.28 29.43
C SER C 217 -13.22 -13.68 28.89
N ALA C 218 -12.92 -13.93 27.62
CA ALA C 218 -13.01 -15.26 27.03
C ALA C 218 -11.61 -15.84 26.78
N THR C 219 -10.91 -15.32 25.79
CA THR C 219 -9.60 -15.84 25.36
C THR C 219 -8.44 -15.61 26.34
N GLY C 220 -8.64 -14.74 27.33
CA GLY C 220 -7.60 -14.42 28.30
C GLY C 220 -6.43 -13.59 27.77
N GLU C 221 -6.52 -13.10 26.54
CA GLU C 221 -5.46 -12.30 25.94
C GLU C 221 -5.52 -10.89 26.48
N TYR C 222 -4.37 -10.24 26.50
CA TYR C 222 -4.24 -8.85 26.87
C TYR C 222 -5.02 -7.99 25.90
N ILE C 223 -5.74 -7.00 26.45
CA ILE C 223 -6.44 -6.01 25.65
C ILE C 223 -5.52 -4.82 25.42
N MET C 224 -5.08 -4.60 24.18
CA MET C 224 -4.20 -3.49 23.86
C MET C 224 -4.74 -2.70 22.67
N ILE C 225 -4.62 -1.38 22.72
CA ILE C 225 -5.12 -0.55 21.62
C ILE C 225 -3.99 -0.34 20.64
N PRO C 226 -4.14 -0.84 19.39
CA PRO C 226 -3.05 -0.79 18.42
C PRO C 226 -2.82 0.61 17.92
N LYS C 227 -1.62 0.87 17.42
CA LYS C 227 -1.32 2.15 16.83
C LYS C 227 -2.12 2.17 15.53
N SER C 228 -3.06 3.10 15.44
CA SER C 228 -3.94 3.17 14.28
C SER C 228 -4.23 4.61 13.98
N VAL C 229 -3.90 5.10 12.78
CA VAL C 229 -4.10 6.51 12.47
C VAL C 229 -5.57 6.87 12.24
N LYS C 230 -6.40 5.84 12.11
CA LYS C 230 -7.84 5.97 12.12
C LYS C 230 -8.35 6.52 13.47
N LEU C 231 -7.73 6.16 14.59
CA LEU C 231 -8.14 6.70 15.89
C LEU C 231 -7.71 8.14 16.04
N ALA C 232 -6.65 8.50 15.34
CA ALA C 232 -6.16 9.87 15.36
C ALA C 232 -6.96 10.77 14.39
N GLU C 233 -7.36 10.23 13.25
CA GLU C 233 -8.16 10.99 12.29
C GLU C 233 -9.54 11.25 12.81
N SER C 234 -10.07 10.27 13.56
CA SER C 234 -11.44 10.30 14.11
C SER C 234 -11.94 11.55 14.86
N PRO C 235 -11.16 12.14 15.81
CA PRO C 235 -11.64 13.41 16.36
C PRO C 235 -11.66 14.61 15.38
N SER C 236 -10.99 14.53 14.24
CA SER C 236 -11.08 15.64 13.27
C SER C 236 -12.48 15.78 12.66
N PHE C 237 -13.23 14.67 12.63
CA PHE C 237 -14.61 14.66 12.19
C PHE C 237 -15.59 14.79 13.34
N GLY C 238 -15.04 14.92 14.54
CA GLY C 238 -15.87 15.09 15.73
C GLY C 238 -16.61 13.83 16.11
N LYS C 239 -16.07 12.69 15.70
CA LYS C 239 -16.65 11.41 16.00
C LYS C 239 -15.72 10.53 16.84
N PRO C 240 -16.32 9.64 17.66
CA PRO C 240 -15.59 8.50 18.22
C PRO C 240 -15.29 7.52 17.08
N ILE C 241 -14.26 6.66 17.23
CA ILE C 241 -13.85 5.69 16.18
C ILE C 241 -15.01 4.79 15.67
N LEU C 242 -15.98 4.49 16.53
CA LEU C 242 -17.18 3.68 16.27
C LEU C 242 -18.07 4.20 15.14
N LEU C 243 -18.65 5.37 15.32
CA LEU C 243 -19.29 6.11 14.22
C LEU C 243 -18.37 6.38 13.01
N TYR C 244 -17.07 6.59 13.25
CA TYR C 244 -16.14 6.93 12.17
C TYR C 244 -15.73 5.73 11.31
N ASP C 245 -15.05 4.76 11.93
CA ASP C 245 -14.71 3.51 11.26
C ASP C 245 -14.95 2.40 12.26
N ILE C 246 -16.03 1.62 12.14
CA ILE C 246 -16.35 0.66 13.23
C ILE C 246 -15.59 -0.67 13.08
N LYS C 247 -15.00 -0.89 11.91
CA LYS C 247 -14.29 -2.13 11.65
C LYS C 247 -12.78 -2.12 11.88
N SER C 248 -12.19 -0.92 12.07
CA SER C 248 -10.74 -0.77 12.27
C SER C 248 -10.29 -1.39 13.59
N ASN C 249 -8.99 -1.66 13.70
CA ASN C 249 -8.45 -2.44 14.82
C ASN C 249 -8.56 -1.73 16.15
N GLY C 250 -8.49 -0.40 16.07
CA GLY C 250 -8.61 0.46 17.23
C GLY C 250 -10.01 0.44 17.77
N SER C 251 -10.98 0.26 16.88
CA SER C 251 -12.35 0.24 17.33
C SER C 251 -12.68 -1.10 17.98
N ILE C 252 -12.22 -2.19 17.36
CA ILE C 252 -12.38 -3.54 17.90
C ILE C 252 -11.78 -3.69 19.30
N ALA C 253 -10.54 -3.22 19.46
CA ALA C 253 -9.86 -3.09 20.75
C ALA C 253 -10.65 -2.30 21.82
N TYR C 254 -11.20 -1.13 21.45
CA TYR C 254 -12.09 -0.40 22.37
C TYR C 254 -13.44 -1.06 22.65
N GLN C 255 -13.96 -1.87 21.72
CA GLN C 255 -15.21 -2.59 21.95
C GLN C 255 -14.91 -3.70 22.92
N LYS C 256 -13.82 -4.42 22.63
CA LYS C 256 -13.28 -5.50 23.48
C LYS C 256 -12.99 -5.02 24.89
N LEU C 257 -12.48 -3.80 25.00
CA LEU C 257 -12.28 -3.15 26.29
C LEU C 257 -13.61 -2.92 27.01
N ALA C 258 -14.63 -2.43 26.29
CA ALA C 258 -15.98 -2.27 26.90
C ALA C 258 -16.65 -3.56 27.37
N GLN C 259 -16.38 -4.67 26.71
CA GLN C 259 -16.93 -5.93 27.16
C GLN C 259 -16.30 -6.42 28.46
N SER C 260 -15.00 -6.19 28.61
CA SER C 260 -14.32 -6.55 29.85
C SER C 260 -14.78 -5.73 31.05
N ILE C 261 -15.13 -4.48 30.79
CA ILE C 261 -15.66 -3.58 31.79
C ILE C 261 -17.06 -4.04 32.13
N LEU C 262 -17.80 -4.47 31.10
CA LEU C 262 -19.20 -4.82 31.27
C LEU C 262 -19.46 -6.15 31.95
N GLN C 263 -18.41 -6.98 32.05
CA GLN C 263 -18.47 -8.19 32.88
C GLN C 263 -18.76 -7.83 34.31
N GLY C 264 -17.78 -7.18 34.94
CA GLY C 264 -17.89 -6.78 36.34
C GLY C 264 -16.78 -5.81 36.68
N MET D 1 29.59 37.79 26.91
CA MET D 1 28.35 37.66 26.15
C MET D 1 27.19 37.45 27.14
N MET D 2 26.10 36.88 26.66
CA MET D 2 24.96 36.56 27.52
C MET D 2 24.27 35.29 26.99
N SER D 3 23.57 34.57 27.85
CA SER D 3 22.88 33.34 27.45
C SER D 3 21.64 33.61 26.63
N GLU D 4 21.48 32.89 25.53
CA GLU D 4 20.15 32.80 24.95
C GLU D 4 19.35 31.71 25.66
N ILE D 5 18.22 32.10 26.22
CA ILE D 5 17.36 31.19 26.93
C ILE D 5 16.20 30.72 26.05
N ILE D 6 16.22 29.44 25.70
CA ILE D 6 15.16 28.89 24.86
C ILE D 6 14.20 27.97 25.59
N ALA D 7 12.94 28.40 25.68
CA ALA D 7 11.89 27.55 26.22
C ALA D 7 11.39 26.58 25.16
N VAL D 8 11.40 25.29 25.47
CA VAL D 8 10.82 24.33 24.56
C VAL D 8 9.46 24.07 25.14
N ALA D 9 8.40 24.56 24.49
CA ALA D 9 7.04 24.49 25.08
C ALA D 9 5.89 24.06 24.16
N ASN D 10 5.00 23.22 24.68
CA ASN D 10 3.66 22.95 24.11
C ASN D 10 2.70 22.50 25.20
N GLN D 11 1.45 22.88 25.07
CA GLN D 11 0.42 22.57 26.06
C GLN D 11 -0.01 21.12 25.91
N LYS D 12 0.10 20.62 24.67
CA LYS D 12 -0.31 19.27 24.33
C LYS D 12 0.66 18.30 24.96
N GLY D 13 0.11 17.28 25.56
CA GLY D 13 0.92 16.23 26.08
C GLY D 13 1.59 15.40 25.02
N GLY D 14 2.86 15.08 25.26
CA GLY D 14 3.59 14.08 24.54
C GLY D 14 3.87 14.35 23.10
N VAL D 15 4.08 15.63 22.77
CA VAL D 15 4.52 16.03 21.43
C VAL D 15 6.01 16.10 21.26
N GLY D 16 6.78 15.64 22.23
CA GLY D 16 8.22 15.67 22.05
C GLY D 16 9.03 16.79 22.69
N LYS D 17 8.51 17.47 23.71
CA LYS D 17 9.24 18.55 24.40
C LYS D 17 10.59 18.17 25.01
N THR D 18 10.58 17.09 25.80
CA THR D 18 11.72 16.60 26.53
C THR D 18 12.74 16.05 25.56
N THR D 19 12.26 15.31 24.55
CA THR D 19 13.16 14.82 23.48
C THR D 19 13.87 15.91 22.69
N THR D 20 13.15 16.95 22.24
CA THR D 20 13.86 18.08 21.64
C THR D 20 14.74 18.83 22.64
N ALA D 21 14.29 19.06 23.87
CA ALA D 21 15.09 19.79 24.83
C ALA D 21 16.37 19.02 25.23
N VAL D 22 16.28 17.71 25.42
CA VAL D 22 17.48 16.90 25.64
C VAL D 22 18.39 16.85 24.40
N ASN D 23 17.82 16.56 23.23
CA ASN D 23 18.66 16.47 22.05
C ASN D 23 19.11 17.75 21.37
N LEU D 24 18.46 18.88 21.60
CA LEU D 24 18.97 20.10 21.02
C LEU D 24 20.12 20.58 21.90
N ALA D 25 19.98 20.40 23.20
CA ALA D 25 20.98 20.83 24.18
C ALA D 25 22.27 20.05 23.96
N ALA D 26 22.14 18.76 23.68
CA ALA D 26 23.31 17.94 23.37
C ALA D 26 23.88 18.24 22.01
N SER D 27 23.03 18.47 21.02
CA SER D 27 23.54 18.83 19.68
C SER D 27 24.18 20.25 19.62
N LEU D 28 23.79 21.11 20.54
CA LEU D 28 24.47 22.39 20.68
C LEU D 28 25.77 22.27 21.48
N ALA D 29 25.85 21.30 22.39
CA ALA D 29 27.00 21.16 23.27
C ALA D 29 28.18 20.48 22.61
N VAL D 30 27.89 19.63 21.62
CA VAL D 30 28.90 18.93 20.82
C VAL D 30 29.75 19.91 19.97
N HIS D 31 29.13 21.03 19.60
CA HIS D 31 29.78 22.21 19.00
C HIS D 31 30.74 22.99 19.91
N GLU D 32 30.88 22.55 21.16
CA GLU D 32 31.70 23.14 22.22
C GLU D 32 31.19 24.49 22.71
N LYS D 33 29.87 24.58 22.84
CA LYS D 33 29.18 25.74 23.43
C LYS D 33 28.74 25.34 24.85
N LYS D 34 28.64 26.29 25.80
CA LYS D 34 28.17 25.90 27.15
C LYS D 34 26.66 25.85 27.25
N ILE D 35 26.14 24.72 27.70
CA ILE D 35 24.71 24.50 27.69
C ILE D 35 24.17 24.02 29.04
N LEU D 36 23.15 24.74 29.51
CA LEU D 36 22.39 24.34 30.69
C LEU D 36 21.01 23.85 30.26
N LEU D 37 20.65 22.63 30.61
CA LEU D 37 19.31 22.16 30.37
C LEU D 37 18.56 22.26 31.69
N ILE D 38 17.33 22.78 31.67
CA ILE D 38 16.58 22.92 32.89
C ILE D 38 15.33 22.07 32.84
N ASP D 39 15.21 21.15 33.76
CA ASP D 39 14.04 20.30 33.76
C ASP D 39 13.02 21.06 34.55
N PHE D 40 12.05 21.58 33.84
CA PHE D 40 11.00 22.40 34.42
C PHE D 40 9.71 21.61 34.63
N ALA D 41 9.81 20.29 34.55
CA ALA D 41 8.60 19.49 34.65
C ALA D 41 8.64 18.60 35.88
N PRO D 42 7.49 18.43 36.56
CA PRO D 42 7.43 17.53 37.73
C PRO D 42 7.61 16.07 37.35
N GLN D 43 7.36 15.74 36.09
CA GLN D 43 7.64 14.39 35.61
C GLN D 43 9.09 14.03 35.52
N ALA D 44 9.90 15.08 35.30
CA ALA D 44 11.34 15.03 35.39
C ALA D 44 11.94 14.04 34.40
N ASN D 45 11.31 13.94 33.23
CA ASN D 45 11.71 13.08 32.13
C ASN D 45 13.03 13.50 31.52
N ALA D 46 13.32 14.80 31.54
CA ALA D 46 14.59 15.30 31.09
C ALA D 46 15.74 14.77 31.97
N THR D 47 15.56 14.85 33.29
CA THR D 47 16.51 14.33 34.31
C THR D 47 16.76 12.82 34.15
N SER D 48 15.67 12.12 33.88
CA SER D 48 15.69 10.69 33.61
C SER D 48 16.42 10.39 32.28
N SER D 49 16.33 11.30 31.30
CA SER D 49 16.96 11.11 29.99
C SER D 49 18.47 11.21 30.03
N LEU D 50 19.01 11.95 30.99
CA LEU D 50 20.46 12.12 31.11
C LEU D 50 21.11 11.19 32.13
N GLY D 51 20.33 10.30 32.73
CA GLY D 51 20.88 9.25 33.56
C GLY D 51 20.89 9.50 35.07
N PHE D 52 20.03 10.39 35.52
CA PHE D 52 19.95 10.71 36.93
C PHE D 52 18.73 10.08 37.57
N ARG D 53 18.94 9.49 38.74
CA ARG D 53 17.87 8.82 39.46
C ARG D 53 17.30 9.83 40.42
N ARG D 54 15.98 9.76 40.64
CA ARG D 54 15.28 10.72 41.52
C ARG D 54 15.72 10.70 42.99
N ASP D 55 16.38 9.62 43.40
CA ASP D 55 17.00 9.55 44.72
C ASP D 55 18.47 10.00 44.79
N LYS D 56 19.09 10.25 43.64
CA LYS D 56 20.48 10.73 43.59
C LYS D 56 20.54 12.24 43.86
N ILE D 57 19.46 12.94 43.52
CA ILE D 57 19.40 14.40 43.62
C ILE D 57 19.05 14.90 45.04
N ASP D 58 19.98 15.64 45.65
CA ASP D 58 19.76 16.17 46.98
C ASP D 58 18.80 17.35 46.97
N TYR D 59 19.06 18.34 46.11
CA TYR D 59 18.19 19.51 45.99
C TYR D 59 17.88 19.84 44.51
N ASP D 60 16.64 20.25 44.23
CA ASP D 60 16.18 20.50 42.86
C ASP D 60 15.81 21.96 42.60
N ILE D 61 15.25 22.22 41.41
CA ILE D 61 14.88 23.57 40.96
C ILE D 61 13.77 24.20 41.81
N TYR D 62 12.93 23.35 42.41
CA TYR D 62 11.88 23.76 43.34
C TYR D 62 12.50 24.41 44.56
N HIS D 63 13.63 23.87 45.00
CA HIS D 63 14.36 24.44 46.12
C HIS D 63 15.00 25.78 45.80
N VAL D 64 15.27 26.03 44.51
CA VAL D 64 15.78 27.33 44.08
C VAL D 64 14.64 28.35 44.03
N LEU D 65 13.47 27.89 43.57
CA LEU D 65 12.30 28.77 43.43
C LEU D 65 11.74 29.29 44.76
N ILE D 66 11.69 28.44 45.78
CA ILE D 66 11.32 28.88 47.14
C ILE D 66 12.46 29.67 47.78
N GLY D 67 13.68 29.46 47.30
CA GLY D 67 14.82 30.25 47.74
C GLY D 67 15.74 29.52 48.70
N ARG D 68 15.44 28.25 48.97
CA ARG D 68 16.25 27.43 49.87
C ARG D 68 17.65 27.13 49.34
N LYS D 69 17.79 27.23 48.00
CA LYS D 69 19.09 27.15 47.32
C LYS D 69 19.18 28.26 46.26
N GLN D 70 20.40 28.60 45.83
CA GLN D 70 20.52 29.38 44.61
C GLN D 70 21.00 28.40 43.53
N ILE D 71 20.60 28.66 42.28
CA ILE D 71 20.67 27.72 41.16
C ILE D 71 22.06 27.13 40.87
N SER D 72 23.11 27.92 41.18
CA SER D 72 24.51 27.55 41.01
C SER D 72 24.96 26.26 41.75
N GLN D 73 24.31 25.96 42.87
CA GLN D 73 24.58 24.75 43.67
C GLN D 73 23.92 23.49 43.12
N VAL D 74 22.68 23.65 42.67
CA VAL D 74 21.78 22.58 42.20
C VAL D 74 22.26 21.90 40.85
N ILE D 75 23.17 22.60 40.15
CA ILE D 75 23.70 22.21 38.83
C ILE D 75 24.61 20.97 38.80
N LEU D 76 24.24 19.98 37.96
CA LEU D 76 24.98 18.73 37.83
C LEU D 76 25.74 18.63 36.51
N LYS D 77 26.97 18.11 36.56
CA LYS D 77 27.72 17.88 35.34
C LYS D 77 27.25 16.56 34.72
N THR D 78 26.83 16.61 33.46
CA THR D 78 26.35 15.42 32.79
C THR D 78 27.49 14.66 32.14
N GLN D 79 27.13 13.66 31.35
CA GLN D 79 28.07 12.82 30.60
C GLN D 79 28.95 13.56 29.62
N MET D 80 28.39 14.62 29.05
CA MET D 80 29.11 15.54 28.20
C MET D 80 29.63 16.70 29.04
N PRO D 81 30.90 17.12 28.82
CA PRO D 81 31.43 18.25 29.59
C PRO D 81 30.79 19.63 29.29
N PHE D 82 30.14 19.76 28.14
CA PHE D 82 29.51 21.03 27.74
C PHE D 82 28.00 21.12 28.07
N LEU D 83 27.46 20.08 28.69
CA LEU D 83 26.04 20.05 29.06
C LEU D 83 25.87 19.95 30.56
N ASP D 84 25.19 20.92 31.14
CA ASP D 84 24.88 20.89 32.55
C ASP D 84 23.36 20.78 32.69
N LEU D 85 22.91 20.26 33.84
CA LEU D 85 21.50 20.06 34.10
C LEU D 85 21.02 20.59 35.45
N VAL D 86 19.99 21.43 35.42
CA VAL D 86 19.22 21.67 36.62
C VAL D 86 18.12 20.61 36.65
N PRO D 87 18.24 19.62 37.55
CA PRO D 87 17.32 18.48 37.58
C PRO D 87 15.98 18.82 38.22
N SER D 88 14.99 17.96 38.02
CA SER D 88 13.73 18.10 38.73
C SER D 88 13.34 16.77 39.35
N ASN D 89 12.22 16.78 40.07
CA ASN D 89 11.52 15.59 40.56
C ASN D 89 10.03 15.97 40.76
N LEU D 90 9.23 15.13 41.41
CA LEU D 90 7.82 15.50 41.65
C LEU D 90 7.59 16.63 42.68
N GLY D 91 8.66 17.05 43.36
CA GLY D 91 8.60 18.16 44.30
C GLY D 91 8.21 19.49 43.66
N LEU D 92 8.51 19.62 42.37
CA LEU D 92 8.21 20.82 41.60
C LEU D 92 6.71 20.98 41.33
N ALA D 93 5.93 19.92 41.55
CA ALA D 93 4.46 20.05 41.55
C ALA D 93 3.90 20.91 42.70
N GLY D 94 4.74 21.24 43.70
CA GLY D 94 4.39 22.15 44.76
C GLY D 94 4.65 23.62 44.48
N PHE D 95 5.19 23.95 43.30
CA PHE D 95 5.35 25.36 42.91
C PHE D 95 4.01 26.05 42.63
N GLU D 96 3.03 25.29 42.17
CA GLU D 96 1.77 25.85 41.70
C GLU D 96 0.94 26.51 42.82
N LYS D 97 0.99 25.92 44.02
CA LYS D 97 0.35 26.49 45.20
C LYS D 97 1.05 27.78 45.57
N THR D 98 2.38 27.71 45.57
CA THR D 98 3.27 28.85 45.74
C THR D 98 3.21 29.83 44.56
N PHE D 99 2.53 29.51 43.46
CA PHE D 99 2.30 30.54 42.44
C PHE D 99 1.14 31.50 42.75
N TYR D 100 -0.01 31.00 43.22
CA TYR D 100 -1.19 31.87 43.37
C TYR D 100 -1.10 32.63 44.70
N ASP D 101 -0.22 32.12 45.55
CA ASP D 101 0.35 32.92 46.64
C ASP D 101 1.36 33.92 46.09
N SER D 102 2.24 33.51 45.18
CA SER D 102 3.21 34.49 44.66
C SER D 102 2.74 35.40 43.54
N GLN D 103 1.50 35.22 43.12
CA GLN D 103 0.90 36.23 42.25
C GLN D 103 0.13 37.21 43.14
N ASP D 104 -0.01 36.89 44.42
CA ASP D 104 -0.86 37.66 45.34
C ASP D 104 -0.20 38.82 46.17
N GLU D 105 1.15 38.91 46.16
CA GLU D 105 1.93 40.09 46.64
C GLU D 105 2.19 41.18 45.58
N ASN D 106 2.49 40.77 44.36
CA ASN D 106 3.18 41.60 43.38
C ASN D 106 2.85 41.03 41.99
N LYS D 107 3.59 41.50 40.99
CA LYS D 107 3.66 40.96 39.64
C LYS D 107 4.69 39.81 39.55
N ARG D 108 5.26 39.49 40.72
CA ARG D 108 6.43 38.61 40.92
C ARG D 108 6.44 37.22 40.30
N GLY D 109 5.37 36.48 40.57
CA GLY D 109 5.34 35.02 40.48
C GLY D 109 5.54 34.36 39.13
N GLU D 110 5.29 35.13 38.07
CA GLU D 110 5.48 34.64 36.72
C GLU D 110 6.95 34.73 36.34
N LEU D 111 7.67 35.58 37.07
CA LEU D 111 9.08 35.87 36.80
C LEU D 111 10.12 35.16 37.69
N MET D 112 9.68 34.24 38.55
CA MET D 112 10.58 33.55 39.49
C MET D 112 11.68 32.70 38.84
N LEU D 113 11.39 32.17 37.65
CA LEU D 113 12.41 31.54 36.85
C LEU D 113 13.35 32.58 36.24
N LYS D 114 12.82 33.73 35.80
CA LYS D 114 13.63 34.83 35.28
C LYS D 114 14.59 35.36 36.33
N ASN D 115 14.11 35.48 37.57
CA ASN D 115 14.96 35.98 38.64
C ASN D 115 15.94 34.95 39.18
N ALA D 116 15.58 33.66 39.12
CA ALA D 116 16.52 32.61 39.47
C ALA D 116 17.60 32.45 38.39
N LEU D 117 17.25 32.72 37.14
CA LEU D 117 18.23 32.57 36.06
C LEU D 117 19.31 33.63 35.98
N GLU D 118 19.17 34.71 36.75
CA GLU D 118 20.04 35.87 36.58
C GLU D 118 21.50 35.66 36.98
N SER D 119 21.70 34.89 38.04
CA SER D 119 23.04 34.52 38.48
C SER D 119 23.83 33.63 37.50
N VAL D 120 23.16 32.74 36.77
CA VAL D 120 23.86 31.88 35.79
C VAL D 120 23.78 32.21 34.29
N VAL D 121 23.14 33.32 33.89
CA VAL D 121 23.08 33.63 32.45
C VAL D 121 24.38 34.10 31.80
N GLY D 122 25.35 34.60 32.57
CA GLY D 122 26.66 34.89 32.00
C GLY D 122 27.52 33.64 31.86
N LEU D 123 27.03 32.52 32.40
CA LEU D 123 27.81 31.29 32.53
C LEU D 123 27.56 30.22 31.43
N TYR D 124 26.61 30.45 30.53
CA TYR D 124 26.28 29.49 29.44
C TYR D 124 25.91 30.22 28.16
N ASP D 125 26.20 29.61 27.01
CA ASP D 125 25.82 30.20 25.73
C ASP D 125 24.33 30.01 25.46
N TYR D 126 23.87 28.82 25.79
CA TYR D 126 22.48 28.47 25.60
C TYR D 126 21.96 27.87 26.90
N ILE D 127 20.74 28.26 27.26
CA ILE D 127 20.05 27.65 28.36
C ILE D 127 18.74 27.14 27.80
N ILE D 128 18.51 25.83 27.91
CA ILE D 128 17.37 25.19 27.25
C ILE D 128 16.33 24.84 28.30
N ILE D 129 15.12 25.35 28.15
CA ILE D 129 14.09 25.01 29.15
C ILE D 129 13.05 24.00 28.69
N ASP D 130 12.97 22.87 29.41
CA ASP D 130 11.93 21.86 29.16
C ASP D 130 10.64 22.03 29.97
N SER D 131 9.57 22.41 29.29
CA SER D 131 8.28 22.73 29.90
C SER D 131 7.28 21.54 30.03
N PRO D 132 6.40 21.56 31.06
CA PRO D 132 5.33 20.57 31.27
C PRO D 132 4.10 20.75 30.34
N PRO D 133 3.27 19.69 30.20
CA PRO D 133 1.99 19.74 29.44
C PRO D 133 0.75 20.43 30.06
N ALA D 134 0.77 21.76 30.02
CA ALA D 134 -0.19 22.67 30.65
C ALA D 134 0.25 24.09 30.27
N LEU D 135 -0.68 25.02 30.38
CA LEU D 135 -0.42 26.45 30.22
C LEU D 135 -0.31 27.18 31.57
N GLY D 136 -0.33 26.43 32.67
CA GLY D 136 -0.29 26.99 34.00
C GLY D 136 1.08 27.54 34.41
N PRO D 137 1.30 27.74 35.74
CA PRO D 137 2.44 28.46 36.32
C PRO D 137 3.86 28.07 35.91
N LEU D 138 4.10 26.81 35.56
CA LEU D 138 5.44 26.38 35.16
C LEU D 138 5.76 26.75 33.72
N THR D 139 4.80 26.57 32.81
CA THR D 139 5.00 26.96 31.42
C THR D 139 5.07 28.48 31.31
N ILE D 140 4.29 29.18 32.13
CA ILE D 140 4.31 30.65 32.22
C ILE D 140 5.68 31.21 32.65
N ASN D 141 6.27 30.61 33.69
CA ASN D 141 7.63 30.97 34.16
C ASN D 141 8.66 30.75 33.08
N SER D 142 8.69 29.52 32.56
CA SER D 142 9.48 29.11 31.40
C SER D 142 9.36 30.04 30.17
N LEU D 143 8.14 30.45 29.85
CA LEU D 143 7.92 31.39 28.74
C LEU D 143 8.31 32.82 29.12
N SER D 144 8.17 33.20 30.39
CA SER D 144 8.51 34.57 30.81
C SER D 144 10.00 34.79 31.02
N ALA D 145 10.74 33.71 31.27
CA ALA D 145 12.18 33.78 31.54
C ALA D 145 12.99 33.71 30.26
N ALA D 146 12.31 33.50 29.14
CA ALA D 146 13.01 33.11 27.93
C ALA D 146 13.00 34.19 26.85
N HIS D 147 13.99 34.09 25.98
CA HIS D 147 14.15 35.00 24.84
C HIS D 147 13.40 34.39 23.66
N SER D 148 13.81 33.18 23.26
CA SER D 148 13.19 32.52 22.12
C SER D 148 12.48 31.26 22.56
N VAL D 149 11.49 30.81 21.79
CA VAL D 149 10.62 29.71 22.25
C VAL D 149 10.40 28.66 21.17
N ILE D 150 10.69 27.40 21.46
CA ILE D 150 10.47 26.33 20.48
C ILE D 150 9.15 25.60 20.72
N ILE D 151 8.32 25.56 19.68
CA ILE D 151 7.11 24.79 19.75
C ILE D 151 7.29 23.51 18.97
N PRO D 152 7.41 22.39 19.68
CA PRO D 152 7.32 21.11 18.99
C PRO D 152 5.88 20.77 18.64
N ILE D 153 5.68 20.22 17.44
CA ILE D 153 4.36 19.95 16.91
C ILE D 153 4.30 18.53 16.36
N GLN D 154 3.45 17.73 16.98
CA GLN D 154 3.15 16.40 16.53
C GLN D 154 2.04 16.59 15.51
N CYS D 155 2.18 16.06 14.29
CA CYS D 155 1.34 16.60 13.25
C CYS D 155 0.13 15.72 13.15
N GLU D 156 -0.88 16.09 13.95
CA GLU D 156 -2.06 15.26 14.26
C GLU D 156 -3.05 16.29 14.73
N PHE D 157 -4.35 15.96 14.77
CA PHE D 157 -5.46 16.92 14.81
C PHE D 157 -5.48 17.97 15.92
N PHE D 158 -4.98 17.60 17.09
CA PHE D 158 -5.14 18.47 18.25
C PHE D 158 -4.10 19.58 18.27
N ALA D 159 -3.12 19.47 17.40
CA ALA D 159 -2.16 20.51 17.22
C ALA D 159 -2.81 21.78 16.61
N LEU D 160 -3.80 21.62 15.72
CA LEU D 160 -4.53 22.75 15.08
C LEU D 160 -5.18 23.72 16.09
N GLU D 161 -6.02 23.20 16.98
CA GLU D 161 -6.58 23.99 18.08
C GLU D 161 -5.50 24.37 19.09
N GLY D 162 -4.47 23.54 19.19
CA GLY D 162 -3.49 23.65 20.24
C GLY D 162 -2.45 24.72 20.01
N THR D 163 -1.85 24.77 18.82
CA THR D 163 -0.76 25.74 18.59
C THR D 163 -1.29 27.17 18.49
N LYS D 164 -2.49 27.33 17.90
CA LYS D 164 -3.20 28.62 17.86
C LYS D 164 -3.51 29.14 19.27
N LEU D 165 -3.71 28.23 20.21
CA LEU D 165 -3.99 28.60 21.57
C LEU D 165 -2.74 29.00 22.36
N LEU D 166 -1.61 28.39 22.01
CA LEU D 166 -0.36 28.66 22.74
C LEU D 166 0.24 29.98 22.27
N LEU D 167 0.03 30.28 20.99
CA LEU D 167 0.50 31.48 20.34
C LEU D 167 -0.15 32.69 20.96
N ASN D 168 -1.41 32.55 21.35
CA ASN D 168 -2.10 33.65 22.00
C ASN D 168 -1.61 33.85 23.44
N THR D 169 -1.18 32.77 24.09
CA THR D 169 -0.52 32.86 25.39
C THR D 169 0.83 33.58 25.25
N ILE D 170 1.56 33.26 24.18
CA ILE D 170 2.82 33.93 23.81
C ILE D 170 2.62 35.42 23.56
N ARG D 171 1.59 35.78 22.78
CA ARG D 171 1.38 37.17 22.38
C ARG D 171 0.86 38.06 23.53
N MET D 172 0.26 37.43 24.55
CA MET D 172 -0.16 38.14 25.75
C MET D 172 1.07 38.60 26.55
N LEU D 173 2.06 37.73 26.68
CA LEU D 173 3.29 38.08 27.40
C LEU D 173 4.19 38.99 26.59
N GLN D 174 4.06 38.92 25.26
CA GLN D 174 4.78 39.82 24.35
C GLN D 174 4.24 41.24 24.48
N LYS D 175 3.00 41.35 24.92
CA LYS D 175 2.46 42.63 25.33
C LYS D 175 2.70 42.91 26.81
N SER D 176 3.03 41.90 27.62
CA SER D 176 3.07 42.16 29.06
C SER D 176 4.39 41.90 29.81
N THR D 177 4.64 40.66 30.20
CA THR D 177 5.73 40.40 31.15
C THR D 177 7.09 40.22 30.46
N ASN D 178 7.04 39.88 29.17
CA ASN D 178 8.24 39.62 28.40
C ASN D 178 8.06 40.11 26.95
N PRO D 179 8.25 41.42 26.69
CA PRO D 179 8.08 41.96 25.32
C PRO D 179 9.21 41.52 24.37
N LYS D 180 10.34 41.12 24.95
CA LYS D 180 11.48 40.62 24.19
C LYS D 180 11.22 39.24 23.55
N LEU D 181 10.20 38.54 24.05
CA LEU D 181 9.94 37.16 23.67
C LEU D 181 9.57 36.90 22.21
N LYS D 182 10.33 36.01 21.58
CA LYS D 182 10.09 35.69 20.19
C LYS D 182 9.91 34.18 20.00
N ILE D 183 9.36 33.80 18.86
CA ILE D 183 9.19 32.40 18.53
C ILE D 183 10.40 31.95 17.74
N ARG D 184 11.20 31.05 18.28
CA ARG D 184 12.39 30.58 17.58
C ARG D 184 12.04 29.71 16.36
N GLY D 185 11.04 28.87 16.52
CA GLY D 185 10.60 28.11 15.38
C GLY D 185 9.70 26.92 15.67
N PHE D 186 9.08 26.44 14.61
CA PHE D 186 8.13 25.36 14.77
C PHE D 186 8.88 24.11 14.39
N LEU D 187 8.80 23.11 15.25
CA LEU D 187 9.52 21.90 14.97
C LEU D 187 8.55 20.77 14.85
N PRO D 188 8.37 20.26 13.62
CA PRO D 188 7.61 19.02 13.45
C PRO D 188 8.38 17.86 14.04
N THR D 189 7.68 17.08 14.85
CA THR D 189 8.28 15.99 15.59
C THR D 189 7.45 14.79 15.29
N MET D 190 8.00 13.61 15.57
CA MET D 190 7.33 12.30 15.41
C MET D 190 6.87 12.06 13.97
N HIS D 191 7.60 12.65 13.04
CA HIS D 191 7.13 12.87 11.70
C HIS D 191 7.23 11.67 10.76
N VAL D 192 6.06 11.25 10.29
CA VAL D 192 5.93 10.31 9.18
C VAL D 192 5.17 11.04 8.06
N PRO D 193 5.86 11.37 6.96
CA PRO D 193 5.30 12.26 5.93
C PRO D 193 4.18 11.64 5.10
N GLN D 194 4.11 10.32 5.03
CA GLN D 194 3.14 9.66 4.13
C GLN D 194 1.70 9.79 4.56
N LEU D 195 1.49 10.04 5.84
CA LEU D 195 0.15 10.06 6.40
C LEU D 195 -0.65 11.27 5.94
N ASN D 196 -1.86 10.99 5.46
CA ASN D 196 -2.79 12.03 5.05
C ASN D 196 -3.24 12.94 6.22
N LEU D 197 -3.23 12.42 7.44
CA LEU D 197 -3.43 13.27 8.60
C LEU D 197 -2.26 14.25 8.75
N THR D 198 -1.04 13.73 8.60
CA THR D 198 0.18 14.51 8.74
C THR D 198 0.27 15.55 7.65
N LYS D 199 -0.08 15.15 6.42
CA LYS D 199 -0.13 16.03 5.27
C LYS D 199 -1.16 17.16 5.48
N GLY D 200 -2.35 16.81 5.94
CA GLY D 200 -3.38 17.81 6.17
C GLY D 200 -3.16 18.74 7.35
N VAL D 201 -2.53 18.24 8.40
CA VAL D 201 -2.29 19.02 9.60
C VAL D 201 -1.15 20.00 9.33
N LEU D 202 -0.13 19.53 8.63
CA LEU D 202 0.97 20.40 8.22
C LEU D 202 0.53 21.41 7.17
N ALA D 203 -0.48 21.06 6.36
CA ALA D 203 -1.02 21.98 5.36
C ALA D 203 -1.70 23.15 6.02
N GLU D 204 -2.53 22.88 7.03
CA GLU D 204 -3.31 23.94 7.69
C GLU D 204 -2.39 24.86 8.49
N LEU D 205 -1.39 24.25 9.13
CA LEU D 205 -0.37 24.97 9.84
C LEU D 205 0.49 25.85 8.92
N PHE D 206 0.71 25.41 7.69
CA PHE D 206 1.55 26.16 6.75
C PHE D 206 0.99 27.49 6.29
N LYS D 207 -0.32 27.57 6.03
CA LYS D 207 -0.89 28.83 5.52
C LYS D 207 -0.90 29.92 6.57
N TYR D 208 -0.94 29.52 7.84
CA TYR D 208 -0.73 30.46 8.94
C TYR D 208 0.71 30.69 9.35
N PHE D 209 1.46 29.61 9.42
CA PHE D 209 2.78 29.63 10.07
C PHE D 209 4.10 29.41 9.33
N ASP D 210 4.09 29.22 8.00
CA ASP D 210 5.27 28.76 7.22
C ASP D 210 6.61 29.50 7.43
N SER D 211 6.53 30.81 7.66
CA SER D 211 7.69 31.65 7.95
C SER D 211 8.36 31.26 9.26
N GLU D 212 7.58 30.78 10.21
CA GLU D 212 8.09 30.44 11.52
C GLU D 212 8.55 28.98 11.64
N PHE D 213 8.58 28.22 10.54
CA PHE D 213 9.05 26.83 10.60
C PHE D 213 10.57 26.77 10.46
N PHE D 214 11.22 25.92 11.27
CA PHE D 214 12.67 25.70 11.23
C PHE D 214 13.12 25.18 9.88
N ARG D 215 14.09 25.87 9.26
CA ARG D 215 14.58 25.49 7.90
C ARG D 215 16.09 25.42 7.84
N ASP D 216 16.60 24.58 6.94
CA ASP D 216 18.05 24.43 6.71
C ASP D 216 18.64 25.68 6.06
N SER D 217 19.88 25.98 6.42
CA SER D 217 20.67 27.01 5.73
C SER D 217 21.12 26.52 4.36
N ALA D 218 21.64 25.29 4.31
CA ALA D 218 22.23 24.75 3.08
C ALA D 218 21.22 24.40 1.99
N THR D 219 19.95 24.22 2.34
CA THR D 219 18.93 23.82 1.37
C THR D 219 17.71 24.72 1.37
N GLY D 220 17.05 24.82 2.52
CA GLY D 220 15.77 25.50 2.58
C GLY D 220 14.66 24.48 2.75
N GLU D 221 15.07 23.21 2.91
CA GLU D 221 14.15 22.15 3.29
C GLU D 221 13.77 22.44 4.73
N TYR D 222 12.53 22.06 5.09
CA TYR D 222 12.04 22.15 6.46
C TYR D 222 12.87 21.23 7.33
N ILE D 223 13.10 21.61 8.58
CA ILE D 223 13.70 20.67 9.54
C ILE D 223 12.62 19.92 10.33
N MET D 224 12.47 18.64 10.03
CA MET D 224 11.48 17.82 10.70
C MET D 224 12.11 16.61 11.36
N ILE D 225 11.76 16.40 12.62
CA ILE D 225 12.26 15.24 13.33
C ILE D 225 11.41 14.01 13.06
N PRO D 226 12.00 12.97 12.41
CA PRO D 226 11.26 11.79 11.98
C PRO D 226 10.77 10.92 13.14
N LYS D 227 9.83 10.01 12.87
CA LYS D 227 9.62 8.91 13.81
C LYS D 227 10.86 8.03 13.71
N SER D 228 11.54 7.92 14.83
CA SER D 228 12.71 7.07 14.96
C SER D 228 12.53 6.43 16.32
N VAL D 229 12.31 5.12 16.40
CA VAL D 229 12.23 4.44 17.73
C VAL D 229 13.57 4.44 18.49
N LYS D 230 14.66 4.77 17.80
CA LYS D 230 15.93 5.02 18.41
C LYS D 230 15.91 6.26 19.34
N LEU D 231 15.06 7.22 19.03
CA LEU D 231 14.95 8.43 19.87
C LEU D 231 14.21 8.10 21.14
N ALA D 232 13.28 7.17 21.02
CA ALA D 232 12.52 6.68 22.15
C ALA D 232 13.40 5.80 23.05
N GLU D 233 14.23 4.96 22.46
CA GLU D 233 15.03 4.05 23.27
C GLU D 233 16.25 4.69 23.93
N SER D 234 16.73 5.80 23.37
CA SER D 234 17.86 6.58 23.94
C SER D 234 17.82 7.09 25.42
N PRO D 235 16.67 7.64 25.92
CA PRO D 235 16.67 7.97 27.35
C PRO D 235 16.72 6.79 28.31
N SER D 236 16.44 5.59 27.82
CA SER D 236 16.56 4.40 28.66
C SER D 236 18.00 4.10 28.98
N PHE D 237 18.93 4.54 28.13
CA PHE D 237 20.36 4.37 28.37
C PHE D 237 21.01 5.56 29.04
N GLY D 238 20.21 6.54 29.47
CA GLY D 238 20.74 7.73 30.12
C GLY D 238 21.39 8.70 29.14
N LYS D 239 21.10 8.51 27.86
CA LYS D 239 21.82 9.20 26.81
C LYS D 239 20.94 10.06 25.92
N PRO D 240 21.53 11.16 25.38
CA PRO D 240 20.95 11.81 24.20
C PRO D 240 21.21 10.92 23.00
N ILE D 241 20.43 11.11 21.92
CA ILE D 241 20.54 10.28 20.71
C ILE D 241 21.94 10.37 20.05
N LEU D 242 22.60 11.50 20.25
CA LEU D 242 23.95 11.80 19.77
C LEU D 242 25.01 10.85 20.33
N LEU D 243 24.92 10.57 21.62
CA LEU D 243 25.77 9.61 22.30
C LEU D 243 25.28 8.18 22.08
N TYR D 244 24.12 8.02 21.45
CA TYR D 244 23.52 6.71 21.30
C TYR D 244 23.73 6.13 19.89
N ASP D 245 22.96 6.65 18.94
CA ASP D 245 23.17 6.32 17.55
C ASP D 245 23.24 7.67 16.87
N ILE D 246 24.45 8.04 16.46
CA ILE D 246 24.68 9.33 15.86
C ILE D 246 24.48 9.26 14.33
N LYS D 247 24.37 8.03 13.82
CA LYS D 247 24.12 7.82 12.40
C LYS D 247 22.63 7.97 12.09
N SER D 248 21.80 7.64 13.08
CA SER D 248 20.34 7.57 12.95
C SER D 248 19.70 8.89 12.58
N ASN D 249 18.56 8.80 11.89
CA ASN D 249 17.90 9.95 11.28
C ASN D 249 17.46 11.04 12.24
N GLY D 250 17.12 10.63 13.45
CA GLY D 250 16.67 11.56 14.47
C GLY D 250 17.84 12.35 14.99
N SER D 251 19.02 11.72 15.05
CA SER D 251 20.21 12.43 15.50
C SER D 251 20.64 13.48 14.48
N ILE D 252 20.57 13.09 13.20
CA ILE D 252 20.90 13.95 12.07
C ILE D 252 19.98 15.16 12.05
N ALA D 253 18.68 14.92 12.25
CA ALA D 253 17.70 15.98 12.28
C ALA D 253 17.83 16.94 13.48
N TYR D 254 18.29 16.46 14.63
CA TYR D 254 18.49 17.35 15.77
C TYR D 254 19.77 18.15 15.61
N GLN D 255 20.74 17.57 14.91
CA GLN D 255 21.97 18.28 14.65
C GLN D 255 21.77 19.35 13.58
N LYS D 256 20.76 19.15 12.72
CA LYS D 256 20.40 20.16 11.75
C LYS D 256 19.79 21.35 12.49
N LEU D 257 18.94 21.04 13.44
CA LEU D 257 18.24 22.01 14.28
C LEU D 257 19.20 22.84 15.12
N ALA D 258 20.23 22.16 15.63
CA ALA D 258 21.33 22.81 16.34
C ALA D 258 22.05 23.79 15.45
N GLN D 259 22.33 23.30 14.24
CA GLN D 259 23.10 24.04 13.24
C GLN D 259 22.39 25.34 12.85
N SER D 260 21.09 25.29 12.63
CA SER D 260 20.36 26.47 12.19
C SER D 260 20.02 27.42 13.32
N ILE D 261 20.11 26.94 14.55
CA ILE D 261 19.88 27.79 15.73
C ILE D 261 21.13 28.56 16.04
N LEU D 262 22.27 27.90 15.89
CA LEU D 262 23.59 28.53 16.04
C LEU D 262 23.87 29.74 15.14
N GLN D 263 23.29 29.80 13.94
CA GLN D 263 23.43 30.98 13.08
C GLN D 263 22.75 32.27 13.57
N GLY D 264 21.92 32.16 14.61
CA GLY D 264 21.20 33.27 15.19
C GLY D 264 21.61 33.57 16.62
N MET G 1 38.34 3.95 35.94
CA MET G 1 38.21 5.28 35.33
C MET G 1 37.08 6.06 35.99
N ALA G 2 37.07 7.37 35.73
CA ALA G 2 35.99 8.30 36.14
C ALA G 2 35.66 8.40 37.64
N LYS G 3 36.56 9.04 38.41
CA LYS G 3 36.36 9.43 39.84
C LYS G 3 36.27 8.30 40.88
N ASN G 4 36.37 7.05 40.41
CA ASN G 4 35.79 5.84 41.02
C ASN G 4 34.29 6.01 41.30
N LYS G 5 33.78 5.38 42.37
CA LYS G 5 32.36 5.40 42.81
C LYS G 5 31.28 5.33 41.70
N VAL G 6 31.12 4.16 41.08
CA VAL G 6 30.64 3.99 39.69
C VAL G 6 29.39 4.72 39.19
N LEU G 7 28.47 5.03 40.11
CA LEU G 7 27.20 5.75 39.83
C LEU G 7 26.32 5.16 38.71
N GLY G 8 25.99 5.98 37.70
CA GLY G 8 25.10 5.57 36.63
C GLY G 8 25.64 4.46 35.74
N ARG G 9 26.76 4.62 35.02
CA ARG G 9 27.28 5.86 34.42
C ARG G 9 27.94 5.38 33.12
N GLY G 10 28.72 6.24 32.47
CA GLY G 10 29.43 5.87 31.25
C GLY G 10 30.59 4.92 31.48
N MET H 1 -21.69 16.89 3.78
CA MET H 1 -22.21 17.89 4.70
C MET H 1 -23.66 18.24 4.39
N ALA H 2 -24.57 17.92 5.31
CA ALA H 2 -26.01 18.08 5.09
C ALA H 2 -26.71 18.86 6.20
N LYS H 3 -26.63 18.32 7.41
CA LYS H 3 -27.37 18.81 8.58
C LYS H 3 -27.12 20.27 9.05
N ASN H 4 -25.99 20.49 9.72
CA ASN H 4 -25.43 21.81 10.07
C ASN H 4 -26.25 22.86 10.85
N LYS H 5 -27.31 22.47 11.58
CA LYS H 5 -27.98 23.44 12.48
C LYS H 5 -27.55 23.34 13.95
N VAL H 6 -26.93 22.20 14.29
CA VAL H 6 -26.46 21.82 15.63
C VAL H 6 -24.92 22.01 15.89
N LEU H 7 -24.39 22.99 15.12
CA LEU H 7 -23.01 23.55 14.87
C LEU H 7 -22.09 23.19 13.66
N GLY H 8 -22.21 22.08 12.93
CA GLY H 8 -22.65 20.78 13.37
C GLY H 8 -21.86 19.85 12.48
N ARG H 9 -21.67 18.61 12.93
CA ARG H 9 -20.92 17.60 12.17
C ARG H 9 -21.83 16.43 11.81
N GLY H 10 -21.47 15.70 10.77
CA GLY H 10 -22.19 14.49 10.41
C GLY H 10 -22.30 14.26 8.93
N MET I 1 25.96 -18.86 -7.22
CA MET I 1 26.86 -18.30 -8.22
C MET I 1 28.35 -18.51 -7.90
N ALA I 2 28.64 -19.11 -6.74
CA ALA I 2 30.02 -19.16 -6.21
C ALA I 2 30.92 -20.41 -6.35
N LYS I 3 30.45 -21.51 -6.94
CA LYS I 3 31.27 -22.75 -6.97
C LYS I 3 31.45 -23.46 -8.34
N ASN I 4 30.36 -24.00 -8.86
CA ASN I 4 30.39 -24.94 -10.00
C ASN I 4 30.80 -24.36 -11.37
N LYS I 5 31.12 -25.26 -12.29
CA LYS I 5 31.71 -25.00 -13.62
C LYS I 5 31.15 -23.90 -14.57
N VAL I 6 29.92 -24.06 -15.06
CA VAL I 6 29.50 -23.41 -16.31
C VAL I 6 28.20 -22.57 -16.33
N LEU I 7 27.07 -23.21 -16.03
CA LEU I 7 25.73 -22.92 -16.58
C LEU I 7 25.10 -21.50 -16.58
N GLY I 8 25.58 -20.60 -15.72
CA GLY I 8 24.96 -19.29 -15.44
C GLY I 8 24.59 -18.36 -16.60
N ARG I 9 23.48 -17.60 -16.55
CA ARG I 9 22.56 -17.29 -15.42
C ARG I 9 23.07 -16.68 -14.09
N GLY I 10 22.88 -17.36 -12.96
CA GLY I 10 23.27 -16.82 -11.67
C GLY I 10 22.10 -16.41 -10.79
N LYS J 3 -35.14 2.24 -42.25
CA LYS J 3 -35.36 1.03 -43.04
C LYS J 3 -34.12 0.13 -43.06
N ASN J 4 -33.91 -0.59 -41.96
CA ASN J 4 -32.78 -1.52 -41.84
C ASN J 4 -33.10 -2.99 -42.16
N LYS J 5 -34.33 -3.24 -42.62
CA LYS J 5 -34.90 -4.58 -42.94
C LYS J 5 -34.80 -5.72 -41.88
N VAL J 6 -34.55 -6.95 -42.34
CA VAL J 6 -34.66 -8.14 -41.50
C VAL J 6 -33.45 -8.36 -40.62
N LEU J 7 -33.67 -8.76 -39.38
CA LEU J 7 -32.64 -8.75 -38.36
C LEU J 7 -31.66 -9.94 -38.39
N GLY J 8 -30.39 -9.62 -38.60
CA GLY J 8 -29.30 -10.45 -38.18
C GLY J 8 -28.78 -9.71 -36.96
N ARG J 9 -27.48 -9.82 -36.69
CA ARG J 9 -26.75 -8.92 -35.77
C ARG J 9 -27.28 -8.88 -34.32
N GLY J 10 -27.62 -7.69 -33.83
CA GLY J 10 -28.23 -7.52 -32.53
C GLY J 10 -27.94 -6.18 -31.88
#